data_8WPI
#
_entry.id   8WPI
#
_cell.length_a   74.549
_cell.length_b   74.549
_cell.length_c   127.828
_cell.angle_alpha   90.000
_cell.angle_beta   90.000
_cell.angle_gamma   90.000
#
_symmetry.space_group_name_H-M   'P 41'
#
loop_
_entity.id
_entity.type
_entity.pdbx_description
1 polymer McyI
2 non-polymer NICOTINAMIDE-ADENINE-DINUCLEOTIDE
3 non-polymer 'NADP NICOTINAMIDE-ADENINE-DINUCLEOTIDE PHOSPHATE'
4 water water
#
_entity_poly.entity_id   1
_entity_poly.type   'polypeptide(L)'
_entity_poly.pdbx_seq_one_letter_code
;MGSSHHHHHHSSGLVPRGSHMTIIYPPKNFPSKTKNHKVLLIGKMYDEIGEKLLAEYTNVEIIKEPKQHQIHEAIQDVSG
VFVRYPTKLDAQAIGLAKNLKVISTSGFGTDAIDIAAATKRGIVVVNNPGLSTTAVTEHTLSMILALAKKLTFLNQCVKA
GNYLIRNQVQPIQLEGKTLGIVGLGRIGSAVAKICSTALQMRVLAYDPYVPSGKADTVRATLVQDLDYLLTESDFVSLHP
ELTDETCEMFDLEAFKKMKPSAFLINTSRGKVVRQPDLVTAIREKLIAGAAIDVFEPEPPAINNPLYEFDNVIFSPHLAG
VTPEAGMAAALSAANQILQVLQGEKPPYIINPKVWNS
;
_entity_poly.pdbx_strand_id   A,B
#
loop_
_chem_comp.id
_chem_comp.type
_chem_comp.name
_chem_comp.formula
NAD non-polymer NICOTINAMIDE-ADENINE-DINUCLEOTIDE 'C21 H27 N7 O14 P2'
NAP non-polymer 'NADP NICOTINAMIDE-ADENINE-DINUCLEOTIDE PHOSPHATE' 'C21 H28 N7 O17 P3'
#
# COMPACT_ATOMS: atom_id res chain seq x y z
N LYS A 38 1.52 -45.94 -0.57
CA LYS A 38 0.66 -45.24 -1.53
C LYS A 38 0.00 -44.01 -0.94
N VAL A 39 -0.01 -42.92 -1.71
CA VAL A 39 -0.60 -41.65 -1.31
C VAL A 39 -1.57 -41.21 -2.40
N LEU A 40 -2.76 -40.77 -2.00
CA LEU A 40 -3.79 -40.33 -2.93
C LEU A 40 -3.98 -38.82 -2.82
N LEU A 41 -3.93 -38.12 -3.96
CA LEU A 41 -4.19 -36.69 -4.02
C LEU A 41 -5.61 -36.49 -4.53
N ILE A 42 -6.53 -36.23 -3.60
CA ILE A 42 -7.91 -35.89 -3.95
C ILE A 42 -7.93 -34.44 -4.39
N GLY A 43 -7.79 -34.22 -5.70
CA GLY A 43 -7.56 -32.86 -6.18
C GLY A 43 -6.08 -32.55 -6.27
N LYS A 44 -5.74 -31.61 -7.15
CA LYS A 44 -4.35 -31.21 -7.33
C LYS A 44 -3.90 -30.30 -6.17
N MET A 45 -2.61 -30.35 -5.87
CA MET A 45 -2.08 -29.38 -4.93
C MET A 45 -1.98 -28.03 -5.62
N TYR A 46 -1.77 -26.98 -4.83
CA TYR A 46 -1.71 -25.63 -5.37
C TYR A 46 -0.45 -25.39 -6.20
N ASP A 47 0.57 -26.22 -6.02
CA ASP A 47 1.80 -26.12 -6.80
C ASP A 47 2.37 -27.52 -6.97
N GLU A 48 3.04 -27.74 -8.10
CA GLU A 48 3.60 -29.06 -8.40
C GLU A 48 4.74 -29.44 -7.46
N ILE A 49 5.29 -28.49 -6.70
CA ILE A 49 6.45 -28.83 -5.88
C ILE A 49 6.07 -29.82 -4.79
N GLY A 50 4.83 -29.73 -4.28
CA GLY A 50 4.40 -30.67 -3.26
C GLY A 50 4.14 -32.06 -3.81
N GLU A 51 3.69 -32.14 -5.06
CA GLU A 51 3.42 -33.44 -5.67
C GLU A 51 4.72 -34.16 -6.02
N LYS A 52 5.73 -33.42 -6.47
CA LYS A 52 7.01 -34.05 -6.76
C LYS A 52 7.67 -34.57 -5.49
N LEU A 53 7.56 -33.83 -4.38
CA LEU A 53 8.17 -34.26 -3.13
C LEU A 53 7.54 -35.56 -2.62
N LEU A 54 6.21 -35.68 -2.75
CA LEU A 54 5.56 -36.94 -2.38
C LEU A 54 5.99 -38.07 -3.31
N ALA A 55 6.20 -37.76 -4.59
CA ALA A 55 6.62 -38.79 -5.54
C ALA A 55 8.03 -39.31 -5.26
N GLU A 56 8.85 -38.56 -4.53
CA GLU A 56 10.20 -39.03 -4.20
C GLU A 56 10.17 -40.18 -3.22
N TYR A 57 9.16 -40.27 -2.36
CA TYR A 57 9.12 -41.26 -1.31
C TYR A 57 7.92 -42.20 -1.35
N THR A 58 6.88 -41.86 -2.10
CA THR A 58 5.67 -42.67 -2.14
C THR A 58 5.20 -42.84 -3.57
N ASN A 59 4.28 -43.79 -3.77
CA ASN A 59 3.59 -43.96 -5.03
C ASN A 59 2.32 -43.10 -4.98
N VAL A 60 2.28 -42.06 -5.80
CA VAL A 60 1.24 -41.02 -5.72
C VAL A 60 0.29 -41.16 -6.91
N GLU A 61 -1.01 -41.16 -6.62
CA GLU A 61 -2.06 -41.08 -7.63
C GLU A 61 -2.81 -39.76 -7.44
N ILE A 62 -3.07 -39.06 -8.54
CA ILE A 62 -3.74 -37.76 -8.50
C ILE A 62 -5.08 -37.89 -9.23
N ILE A 63 -6.16 -37.59 -8.53
CA ILE A 63 -7.49 -37.47 -9.12
C ILE A 63 -7.75 -35.99 -9.31
N LYS A 64 -7.81 -35.53 -10.56
CA LYS A 64 -7.81 -34.09 -10.83
C LYS A 64 -9.17 -33.46 -10.52
N GLU A 65 -10.26 -34.08 -10.96
CA GLU A 65 -11.62 -33.59 -10.72
C GLU A 65 -12.34 -34.64 -9.88
N PRO A 66 -12.14 -34.65 -8.57
CA PRO A 66 -12.52 -35.81 -7.75
C PRO A 66 -14.03 -35.93 -7.58
N LYS A 67 -14.56 -37.09 -7.96
CA LYS A 67 -15.93 -37.48 -7.65
C LYS A 67 -15.92 -38.44 -6.47
N GLN A 68 -17.06 -38.53 -5.78
CA GLN A 68 -17.12 -39.31 -4.55
C GLN A 68 -16.86 -40.79 -4.82
N HIS A 69 -17.43 -41.34 -5.90
CA HIS A 69 -17.18 -42.75 -6.20
C HIS A 69 -15.73 -42.97 -6.62
N GLN A 70 -15.11 -41.99 -7.26
CA GLN A 70 -13.70 -42.09 -7.60
C GLN A 70 -12.85 -42.15 -6.34
N ILE A 71 -13.23 -41.39 -5.31
CA ILE A 71 -12.53 -41.47 -4.04
C ILE A 71 -12.70 -42.86 -3.44
N HIS A 72 -13.90 -43.42 -3.54
CA HIS A 72 -14.16 -44.73 -2.98
C HIS A 72 -13.28 -45.80 -3.63
N GLU A 73 -13.02 -45.67 -4.93
CA GLU A 73 -12.30 -46.72 -5.66
C GLU A 73 -10.79 -46.56 -5.61
N ALA A 74 -10.27 -45.46 -5.08
CA ALA A 74 -8.83 -45.23 -5.07
C ALA A 74 -8.23 -45.12 -3.68
N ILE A 75 -9.04 -45.14 -2.62
CA ILE A 75 -8.56 -44.87 -1.26
C ILE A 75 -8.37 -46.15 -0.45
N GLN A 76 -8.73 -47.31 -0.99
CA GLN A 76 -8.84 -48.50 -0.18
C GLN A 76 -7.51 -48.99 0.36
N ASP A 77 -6.41 -48.78 -0.39
CA ASP A 77 -5.11 -49.32 0.00
C ASP A 77 -4.04 -48.26 0.25
N VAL A 78 -4.37 -46.96 0.12
CA VAL A 78 -3.36 -45.93 0.28
C VAL A 78 -3.09 -45.68 1.76
N SER A 79 -1.91 -45.12 2.04
CA SER A 79 -1.49 -44.81 3.40
C SER A 79 -1.67 -43.34 3.76
N GLY A 80 -1.72 -42.46 2.77
CA GLY A 80 -1.91 -41.04 3.04
C GLY A 80 -2.85 -40.42 2.02
N VAL A 81 -3.53 -39.38 2.45
CA VAL A 81 -4.54 -38.70 1.62
C VAL A 81 -4.36 -37.18 1.74
N PHE A 82 -4.33 -36.52 0.59
CA PHE A 82 -4.39 -35.06 0.50
C PHE A 82 -5.75 -34.68 -0.06
N VAL A 83 -6.41 -33.71 0.55
CA VAL A 83 -7.76 -33.29 0.15
C VAL A 83 -7.71 -31.82 -0.23
N ARG A 84 -8.00 -31.52 -1.50
CA ARG A 84 -8.06 -30.15 -1.95
C ARG A 84 -9.44 -29.57 -1.63
N TYR A 85 -9.44 -28.44 -0.91
CA TYR A 85 -10.68 -27.78 -0.55
C TYR A 85 -11.46 -27.41 -1.81
N PRO A 86 -12.80 -27.52 -1.78
CA PRO A 86 -13.60 -27.95 -0.62
C PRO A 86 -14.13 -29.38 -0.74
N THR A 87 -13.41 -30.25 -1.43
CA THR A 87 -13.87 -31.63 -1.60
C THR A 87 -14.05 -32.31 -0.24
N LYS A 88 -15.13 -33.06 -0.10
CA LYS A 88 -15.42 -33.68 1.19
C LYS A 88 -14.82 -35.09 1.28
N LEU A 89 -14.43 -35.46 2.49
CA LEU A 89 -13.93 -36.80 2.81
C LEU A 89 -14.75 -37.29 4.00
N ASP A 90 -15.75 -38.13 3.73
CA ASP A 90 -16.75 -38.50 4.71
C ASP A 90 -16.44 -39.86 5.35
N ALA A 91 -17.37 -40.33 6.18
CA ALA A 91 -17.16 -41.59 6.91
C ALA A 91 -17.15 -42.79 5.97
N GLN A 92 -17.85 -42.72 4.84
CA GLN A 92 -17.85 -43.82 3.89
C GLN A 92 -16.47 -44.01 3.28
N ALA A 93 -15.84 -42.92 2.86
CA ALA A 93 -14.50 -43.01 2.29
C ALA A 93 -13.48 -43.42 3.33
N ILE A 94 -13.55 -42.81 4.52
CA ILE A 94 -12.63 -43.16 5.59
C ILE A 94 -12.82 -44.61 6.01
N GLY A 95 -14.07 -45.09 5.97
CA GLY A 95 -14.31 -46.49 6.29
C GLY A 95 -13.72 -47.44 5.27
N LEU A 96 -13.66 -47.04 4.01
CA LEU A 96 -13.09 -47.87 2.96
C LEU A 96 -11.56 -47.84 2.95
N ALA A 97 -10.96 -46.83 3.58
CA ALA A 97 -9.51 -46.66 3.56
C ALA A 97 -8.91 -47.57 4.63
N LYS A 98 -8.40 -48.72 4.20
CA LYS A 98 -7.92 -49.73 5.14
C LYS A 98 -6.55 -49.39 5.71
N ASN A 99 -5.63 -48.87 4.89
CA ASN A 99 -4.27 -48.60 5.33
C ASN A 99 -4.06 -47.13 5.69
N LEU A 100 -5.12 -46.35 5.79
CA LEU A 100 -4.98 -44.90 5.96
C LEU A 100 -4.39 -44.57 7.32
N LYS A 101 -3.43 -43.63 7.32
CA LYS A 101 -2.81 -43.19 8.56
C LYS A 101 -2.83 -41.67 8.68
N VAL A 102 -2.81 -40.96 7.54
CA VAL A 102 -2.71 -39.52 7.57
C VAL A 102 -3.63 -38.91 6.52
N ILE A 103 -4.37 -37.87 6.90
CA ILE A 103 -5.17 -37.06 6.01
C ILE A 103 -4.71 -35.61 6.16
N SER A 104 -4.42 -34.96 5.03
CA SER A 104 -3.97 -33.58 5.02
C SER A 104 -4.93 -32.76 4.18
N THR A 105 -5.38 -31.63 4.74
CA THR A 105 -6.14 -30.70 3.94
C THR A 105 -5.19 -29.77 3.19
N SER A 106 -5.75 -28.92 2.34
CA SER A 106 -4.92 -27.98 1.59
C SER A 106 -4.68 -26.68 2.33
N GLY A 107 -5.50 -26.33 3.32
CA GLY A 107 -5.35 -25.06 4.03
C GLY A 107 -5.75 -25.15 5.50
N PHE A 108 -6.32 -24.06 6.02
CA PHE A 108 -6.78 -24.04 7.42
C PHE A 108 -7.99 -24.96 7.59
N GLY A 109 -8.91 -24.92 6.63
CA GLY A 109 -10.21 -25.52 6.81
C GLY A 109 -10.19 -27.04 6.81
N THR A 110 -10.92 -27.63 7.76
CA THR A 110 -11.11 -29.07 7.84
C THR A 110 -12.58 -29.43 7.99
N ASP A 111 -13.49 -28.49 7.69
CA ASP A 111 -14.92 -28.75 7.89
C ASP A 111 -15.43 -29.86 6.97
N ALA A 112 -14.83 -30.02 5.79
CA ALA A 112 -15.28 -31.04 4.86
C ALA A 112 -14.78 -32.44 5.20
N ILE A 113 -13.96 -32.58 6.25
CA ILE A 113 -13.42 -33.87 6.66
C ILE A 113 -14.19 -34.36 7.88
N ASP A 114 -14.61 -35.62 7.86
CA ASP A 114 -15.21 -36.23 9.04
C ASP A 114 -14.09 -36.59 10.00
N ILE A 115 -13.76 -35.65 10.87
CA ILE A 115 -12.67 -35.85 11.84
C ILE A 115 -13.01 -36.97 12.80
N ALA A 116 -14.28 -37.07 13.20
CA ALA A 116 -14.67 -38.09 14.17
C ALA A 116 -14.46 -39.49 13.62
N ALA A 117 -14.74 -39.70 12.34
CA ALA A 117 -14.55 -41.01 11.75
C ALA A 117 -13.07 -41.37 11.66
N ALA A 118 -12.21 -40.36 11.49
CA ALA A 118 -10.78 -40.63 11.41
C ALA A 118 -10.16 -40.82 12.78
N THR A 119 -10.67 -40.10 13.79
CA THR A 119 -10.16 -40.26 15.15
C THR A 119 -10.39 -41.67 15.67
N LYS A 120 -11.56 -42.25 15.39
CA LYS A 120 -11.83 -43.61 15.85
C LYS A 120 -10.94 -44.64 15.18
N ARG A 121 -10.55 -44.41 13.93
CA ARG A 121 -9.74 -45.36 13.18
C ARG A 121 -8.25 -45.14 13.37
N GLY A 122 -7.86 -44.21 14.24
CA GLY A 122 -6.45 -43.93 14.49
C GLY A 122 -5.76 -43.09 13.44
N ILE A 123 -6.52 -42.44 12.57
CA ILE A 123 -5.95 -41.67 11.46
C ILE A 123 -5.70 -40.25 11.94
N VAL A 124 -4.48 -39.77 11.74
CA VAL A 124 -4.16 -38.39 12.09
C VAL A 124 -4.65 -37.47 10.99
N VAL A 125 -5.15 -36.31 11.39
CA VAL A 125 -5.60 -35.27 10.47
C VAL A 125 -4.77 -34.04 10.74
N VAL A 126 -4.24 -33.45 9.68
CA VAL A 126 -3.43 -32.24 9.79
C VAL A 126 -4.02 -31.22 8.83
N ASN A 127 -4.04 -29.97 9.25
CA ASN A 127 -4.32 -28.89 8.34
C ASN A 127 -3.00 -28.19 8.03
N ASN A 128 -3.08 -27.13 7.25
CA ASN A 128 -1.90 -26.38 6.82
C ASN A 128 -2.18 -24.89 6.99
N PRO A 129 -2.06 -24.39 8.22
CA PRO A 129 -2.32 -22.97 8.46
C PRO A 129 -1.04 -22.17 8.44
N GLY A 130 -1.16 -20.85 8.29
CA GLY A 130 -0.03 -19.96 8.43
C GLY A 130 0.94 -19.90 7.28
N LEU A 131 0.63 -20.53 6.15
CA LEU A 131 1.55 -20.57 5.02
C LEU A 131 1.39 -19.39 4.05
N SER A 132 0.45 -18.47 4.31
CA SER A 132 0.30 -17.28 3.50
C SER A 132 0.44 -16.01 4.31
N THR A 133 1.22 -16.06 5.40
CA THR A 133 1.35 -14.90 6.30
C THR A 133 1.83 -13.67 5.54
N THR A 134 2.87 -13.82 4.71
CA THR A 134 3.41 -12.69 3.97
C THR A 134 2.41 -12.14 2.96
N ALA A 135 1.66 -13.02 2.28
CA ALA A 135 0.68 -12.54 1.29
C ALA A 135 -0.40 -11.70 1.96
N VAL A 136 -0.95 -12.19 3.08
CA VAL A 136 -2.03 -11.43 3.71
C VAL A 136 -1.49 -10.14 4.32
N THR A 137 -0.26 -10.17 4.83
CA THR A 137 0.36 -8.97 5.37
C THR A 137 0.47 -7.89 4.30
N GLU A 138 1.05 -8.24 3.15
CA GLU A 138 1.16 -7.29 2.04
C GLU A 138 -0.21 -6.81 1.57
N HIS A 139 -1.18 -7.73 1.46
CA HIS A 139 -2.51 -7.34 1.01
C HIS A 139 -3.15 -6.38 2.01
N THR A 140 -2.94 -6.63 3.30
CA THR A 140 -3.44 -5.72 4.33
C THR A 140 -2.84 -4.34 4.19
N LEU A 141 -1.52 -4.27 4.05
CA LEU A 141 -0.85 -3.00 3.82
C LEU A 141 -1.40 -2.29 2.58
N SER A 142 -1.62 -3.05 1.50
CA SER A 142 -2.17 -2.49 0.28
C SER A 142 -3.52 -1.83 0.54
N MET A 143 -4.36 -2.46 1.35
CA MET A 143 -5.68 -1.90 1.60
C MET A 143 -5.61 -0.71 2.56
N ILE A 144 -4.74 -0.77 3.58
CA ILE A 144 -4.55 0.37 4.46
C ILE A 144 -4.12 1.59 3.64
N LEU A 145 -3.11 1.40 2.79
CA LEU A 145 -2.62 2.49 1.95
C LEU A 145 -3.69 2.95 0.97
N ALA A 146 -4.43 2.02 0.35
CA ALA A 146 -5.41 2.41 -0.66
C ALA A 146 -6.52 3.27 -0.06
N LEU A 147 -6.95 2.94 1.15
CA LEU A 147 -7.94 3.79 1.83
C LEU A 147 -7.36 5.15 2.17
N ALA A 148 -6.12 5.19 2.68
CA ALA A 148 -5.51 6.45 3.08
C ALA A 148 -5.34 7.39 1.88
N LYS A 149 -5.00 6.83 0.72
CA LYS A 149 -4.81 7.63 -0.49
C LYS A 149 -6.06 7.70 -1.36
N LYS A 150 -7.16 7.10 -0.94
CA LYS A 150 -8.41 7.10 -1.72
C LYS A 150 -8.17 6.64 -3.15
N LEU A 151 -7.42 5.56 -3.29
CA LEU A 151 -6.84 5.17 -4.57
C LEU A 151 -7.91 4.79 -5.59
N THR A 152 -8.85 3.90 -5.22
CA THR A 152 -9.84 3.46 -6.22
C THR A 152 -10.76 4.59 -6.65
N PHE A 153 -11.14 5.46 -5.71
CA PHE A 153 -12.01 6.58 -6.03
C PHE A 153 -11.31 7.59 -6.93
N LEU A 154 -10.06 7.92 -6.60
CA LEU A 154 -9.31 8.86 -7.43
C LEU A 154 -9.03 8.25 -8.80
N ASN A 155 -8.77 6.95 -8.86
CA ASN A 155 -8.54 6.31 -10.15
C ASN A 155 -9.80 6.34 -11.02
N GLN A 156 -10.97 6.10 -10.40
CA GLN A 156 -12.22 6.14 -11.14
C GLN A 156 -12.53 7.54 -11.63
N CYS A 157 -12.30 8.56 -10.81
CA CYS A 157 -12.59 9.94 -11.20
C CYS A 157 -11.75 10.36 -12.41
N VAL A 158 -10.46 10.02 -12.40
CA VAL A 158 -9.58 10.42 -13.49
C VAL A 158 -10.02 9.74 -14.79
N LYS A 159 -10.26 8.43 -14.75
CA LYS A 159 -10.67 7.72 -15.95
C LYS A 159 -12.01 8.22 -16.49
N ALA A 160 -12.83 8.81 -15.63
CA ALA A 160 -14.12 9.36 -16.06
C ALA A 160 -14.03 10.83 -16.46
N GLY A 161 -12.82 11.36 -16.60
CA GLY A 161 -12.63 12.75 -16.97
C GLY A 161 -12.76 13.76 -15.86
N ASN A 162 -12.89 13.32 -14.61
CA ASN A 162 -13.01 14.23 -13.46
C ASN A 162 -11.67 14.35 -12.74
N TYR A 163 -10.66 14.80 -13.50
CA TYR A 163 -9.35 15.06 -12.92
C TYR A 163 -9.42 16.11 -11.83
N LEU A 164 -10.37 17.06 -11.93
CA LEU A 164 -10.50 18.16 -10.98
C LEU A 164 -10.99 17.71 -9.61
N ILE A 165 -11.28 16.43 -9.41
CA ILE A 165 -11.59 15.95 -8.07
C ILE A 165 -10.44 16.23 -7.11
N ARG A 166 -9.24 16.47 -7.64
CA ARG A 166 -8.10 16.79 -6.78
C ARG A 166 -8.34 18.03 -5.93
N ASN A 167 -9.29 18.90 -6.33
CA ASN A 167 -9.63 20.07 -5.55
C ASN A 167 -10.55 19.76 -4.38
N GLN A 168 -11.23 18.61 -4.42
CA GLN A 168 -12.19 18.21 -3.39
C GLN A 168 -11.58 17.23 -2.38
N VAL A 169 -10.74 16.31 -2.84
CA VAL A 169 -10.24 15.17 -2.08
C VAL A 169 -8.82 15.44 -1.58
N GLN A 170 -8.54 15.03 -0.34
CA GLN A 170 -7.21 15.17 0.23
C GLN A 170 -6.76 13.83 0.81
N PRO A 171 -5.65 13.26 0.36
CA PRO A 171 -5.18 11.99 0.94
C PRO A 171 -4.79 12.17 2.41
N ILE A 172 -4.65 11.01 3.06
CA ILE A 172 -4.25 10.94 4.46
C ILE A 172 -2.80 10.47 4.53
N GLN A 173 -2.03 11.07 5.42
CA GLN A 173 -0.67 10.64 5.67
C GLN A 173 -0.65 9.65 6.82
N LEU A 174 -0.06 8.47 6.59
CA LEU A 174 -0.08 7.43 7.60
C LEU A 174 0.86 7.73 8.76
N GLU A 175 1.99 8.38 8.50
CA GLU A 175 2.98 8.63 9.54
C GLU A 175 2.35 9.36 10.72
N GLY A 176 2.56 8.83 11.92
CA GLY A 176 2.02 9.41 13.12
C GLY A 176 0.60 8.98 13.47
N LYS A 177 -0.11 8.35 12.55
CA LYS A 177 -1.46 7.89 12.87
C LYS A 177 -1.37 6.61 13.71
N THR A 178 -2.51 6.19 14.25
CA THR A 178 -2.60 5.02 15.10
C THR A 178 -3.27 3.88 14.36
N LEU A 179 -2.58 2.75 14.26
CA LEU A 179 -3.15 1.52 13.73
C LEU A 179 -3.55 0.62 14.89
N GLY A 180 -4.80 0.18 14.89
CA GLY A 180 -5.30 -0.75 15.87
C GLY A 180 -5.42 -2.13 15.26
N ILE A 181 -4.69 -3.09 15.84
CA ILE A 181 -4.65 -4.46 15.35
C ILE A 181 -5.44 -5.34 16.31
N VAL A 182 -6.44 -6.04 15.80
CA VAL A 182 -7.25 -6.98 16.57
C VAL A 182 -6.77 -8.37 16.19
N GLY A 183 -6.17 -9.08 17.13
CA GLY A 183 -5.56 -10.36 16.83
C GLY A 183 -4.10 -10.17 16.51
N LEU A 184 -3.23 -10.44 17.47
CA LEU A 184 -1.80 -10.27 17.28
C LEU A 184 -1.14 -11.62 17.08
N GLY A 185 -1.63 -12.34 16.06
CA GLY A 185 -1.09 -13.64 15.67
C GLY A 185 -0.05 -13.53 14.57
N ARG A 186 -0.01 -14.52 13.69
CA ARG A 186 0.97 -14.51 12.60
C ARG A 186 0.79 -13.29 11.70
N ILE A 187 -0.43 -13.04 11.24
CA ILE A 187 -0.65 -11.90 10.34
C ILE A 187 -0.58 -10.59 11.13
N GLY A 188 -1.29 -10.51 12.25
CA GLY A 188 -1.34 -9.28 13.01
C GLY A 188 0.05 -8.80 13.42
N SER A 189 0.90 -9.72 13.84
CA SER A 189 2.27 -9.35 14.24
C SER A 189 3.07 -8.81 13.06
N ALA A 190 2.97 -9.45 11.90
CA ALA A 190 3.74 -8.99 10.75
C ALA A 190 3.24 -7.62 10.27
N VAL A 191 1.93 -7.40 10.32
CA VAL A 191 1.41 -6.07 9.96
C VAL A 191 1.86 -5.03 10.98
N ALA A 192 1.82 -5.39 12.26
CA ALA A 192 2.29 -4.48 13.31
C ALA A 192 3.73 -4.06 13.05
N LYS A 193 4.61 -5.01 12.77
CA LYS A 193 6.02 -4.67 12.68
C LYS A 193 6.30 -3.71 11.53
N ILE A 194 5.66 -3.91 10.38
CA ILE A 194 5.89 -3.02 9.25
C ILE A 194 5.32 -1.63 9.55
N CYS A 195 4.10 -1.56 10.06
CA CYS A 195 3.45 -0.27 10.23
C CYS A 195 4.11 0.56 11.33
N SER A 196 4.72 -0.08 12.34
CA SER A 196 5.29 0.69 13.44
C SER A 196 6.62 1.34 13.07
N THR A 197 7.50 0.61 12.38
CA THR A 197 8.82 1.14 12.09
C THR A 197 8.89 1.78 10.72
N ALA A 198 8.57 1.02 9.67
CA ALA A 198 8.75 1.53 8.31
C ALA A 198 7.78 2.69 8.02
N LEU A 199 6.51 2.52 8.37
CA LEU A 199 5.51 3.56 8.12
C LEU A 199 5.35 4.52 9.30
N GLN A 200 6.08 4.30 10.39
CA GLN A 200 6.12 5.25 11.51
C GLN A 200 4.73 5.47 12.10
N MET A 201 3.94 4.41 12.22
CA MET A 201 2.65 4.49 12.86
C MET A 201 2.75 4.04 14.31
N ARG A 202 1.90 4.60 15.15
CA ARG A 202 1.70 4.07 16.49
C ARG A 202 0.77 2.87 16.38
N VAL A 203 1.19 1.72 16.86
CA VAL A 203 0.43 0.48 16.69
C VAL A 203 -0.08 0.02 18.04
N LEU A 204 -1.39 -0.09 18.15
CA LEU A 204 -2.05 -0.73 19.29
C LEU A 204 -2.49 -2.12 18.87
N ALA A 205 -2.50 -3.03 19.84
CA ALA A 205 -2.93 -4.40 19.57
C ALA A 205 -3.90 -4.84 20.66
N TYR A 206 -4.94 -5.56 20.27
CA TYR A 206 -5.86 -6.19 21.21
C TYR A 206 -5.88 -7.69 20.93
N ASP A 207 -5.47 -8.48 21.92
CA ASP A 207 -5.40 -9.93 21.84
C ASP A 207 -5.24 -10.48 23.24
N PRO A 208 -6.31 -10.96 23.88
CA PRO A 208 -6.20 -11.39 25.28
C PRO A 208 -5.49 -12.71 25.48
N TYR A 209 -5.09 -13.41 24.41
CA TYR A 209 -4.50 -14.74 24.54
C TYR A 209 -3.03 -14.76 24.13
N VAL A 210 -2.40 -13.60 24.02
CA VAL A 210 -1.02 -13.55 23.56
C VAL A 210 -0.14 -13.06 24.71
N PRO A 211 1.09 -13.56 24.82
CA PRO A 211 1.99 -13.08 25.88
C PRO A 211 2.14 -11.57 25.85
N SER A 212 2.26 -10.98 27.04
CA SER A 212 2.25 -9.53 27.16
C SER A 212 3.42 -8.88 26.41
N GLY A 213 4.52 -9.61 26.25
CA GLY A 213 5.70 -9.10 25.58
C GLY A 213 5.75 -9.34 24.09
N LYS A 214 4.74 -9.96 23.51
CA LYS A 214 4.76 -10.21 22.07
C LYS A 214 4.58 -8.92 21.29
N ALA A 215 3.78 -7.98 21.83
CA ALA A 215 3.60 -6.70 21.16
C ALA A 215 4.89 -5.89 21.13
N ASP A 216 5.72 -6.01 22.16
CA ASP A 216 6.96 -5.22 22.20
C ASP A 216 7.96 -5.69 21.13
N THR A 217 7.96 -6.98 20.80
CA THR A 217 8.88 -7.48 19.78
C THR A 217 8.58 -6.87 18.42
N VAL A 218 7.35 -6.46 18.17
CA VAL A 218 6.99 -5.82 16.91
C VAL A 218 6.71 -4.33 17.11
N ARG A 219 7.16 -3.78 18.24
CA ARG A 219 7.05 -2.36 18.57
C ARG A 219 5.59 -1.89 18.51
N ALA A 220 4.72 -2.68 19.11
CA ALA A 220 3.33 -2.33 19.31
C ALA A 220 3.05 -2.27 20.80
N THR A 221 1.91 -1.69 21.17
CA THR A 221 1.44 -1.67 22.54
C THR A 221 0.22 -2.57 22.68
N LEU A 222 0.34 -3.61 23.49
CA LEU A 222 -0.79 -4.47 23.79
C LEU A 222 -1.71 -3.75 24.77
N VAL A 223 -2.98 -3.59 24.42
CA VAL A 223 -3.95 -2.96 25.32
C VAL A 223 -4.96 -3.99 25.77
N GLN A 224 -5.40 -3.88 27.03
CA GLN A 224 -6.33 -4.86 27.57
C GLN A 224 -7.78 -4.55 27.23
N ASP A 225 -8.09 -3.27 26.98
CA ASP A 225 -9.46 -2.85 26.71
C ASP A 225 -9.61 -2.57 25.22
N LEU A 226 -10.48 -3.36 24.57
CA LEU A 226 -10.76 -3.13 23.15
C LEU A 226 -11.31 -1.74 22.91
N ASP A 227 -12.11 -1.22 23.85
CA ASP A 227 -12.62 0.15 23.72
C ASP A 227 -11.48 1.15 23.53
N TYR A 228 -10.36 0.95 24.23
CA TYR A 228 -9.24 1.87 24.07
C TYR A 228 -8.73 1.86 22.63
N LEU A 229 -8.55 0.66 22.07
CA LEU A 229 -8.13 0.56 20.68
C LEU A 229 -9.16 1.17 19.75
N LEU A 230 -10.45 0.99 20.06
CA LEU A 230 -11.48 1.48 19.16
C LEU A 230 -11.51 3.01 19.10
N THR A 231 -11.41 3.68 20.25
CA THR A 231 -11.50 5.14 20.24
C THR A 231 -10.20 5.82 19.86
N GLU A 232 -9.06 5.10 19.90
CA GLU A 232 -7.76 5.72 19.66
C GLU A 232 -7.23 5.52 18.24
N SER A 233 -7.76 4.55 17.51
CA SER A 233 -7.18 4.16 16.23
C SER A 233 -7.73 5.02 15.11
N ASP A 234 -6.84 5.36 14.18
CA ASP A 234 -7.26 5.95 12.91
C ASP A 234 -7.50 4.88 11.85
N PHE A 235 -6.92 3.69 12.03
CA PHE A 235 -7.14 2.56 11.16
C PHE A 235 -7.25 1.33 12.05
N VAL A 236 -8.27 0.51 11.81
CA VAL A 236 -8.48 -0.73 12.55
C VAL A 236 -8.42 -1.87 11.54
N SER A 237 -7.46 -2.78 11.73
CA SER A 237 -7.29 -3.94 10.87
C SER A 237 -7.55 -5.19 11.69
N LEU A 238 -8.40 -6.07 11.16
CA LEU A 238 -8.85 -7.27 11.87
C LEU A 238 -8.00 -8.46 11.46
N HIS A 239 -7.33 -9.08 12.45
CA HIS A 239 -6.63 -10.33 12.19
C HIS A 239 -6.86 -11.42 13.24
N PRO A 240 -8.04 -11.54 13.84
CA PRO A 240 -8.23 -12.59 14.84
C PRO A 240 -8.66 -13.91 14.20
N GLU A 241 -8.50 -14.97 14.99
CA GLU A 241 -9.14 -16.24 14.66
C GLU A 241 -10.65 -16.10 14.88
N LEU A 242 -11.42 -16.75 14.03
CA LEU A 242 -12.88 -16.75 14.19
C LEU A 242 -13.27 -17.72 15.30
N THR A 243 -13.74 -17.19 16.43
CA THR A 243 -14.28 -17.98 17.52
C THR A 243 -15.66 -17.43 17.87
N ASP A 244 -16.34 -18.09 18.80
CA ASP A 244 -17.62 -17.57 19.28
C ASP A 244 -17.45 -16.22 19.96
N GLU A 245 -16.25 -15.93 20.48
CA GLU A 245 -15.97 -14.65 21.09
C GLU A 245 -15.77 -13.55 20.04
N THR A 246 -15.10 -13.88 18.93
CA THR A 246 -14.84 -12.88 17.89
C THR A 246 -15.93 -12.83 16.83
N CYS A 247 -16.84 -13.81 16.80
CA CYS A 247 -17.91 -13.83 15.83
C CYS A 247 -18.78 -12.59 16.01
N GLU A 248 -18.86 -11.77 14.95
CA GLU A 248 -19.57 -10.49 14.97
C GLU A 248 -19.08 -9.58 16.10
N MET A 249 -17.81 -9.69 16.46
CA MET A 249 -17.23 -8.76 17.42
C MET A 249 -17.36 -7.31 16.95
N PHE A 250 -17.26 -7.07 15.65
CA PHE A 250 -17.40 -5.71 15.13
C PHE A 250 -18.84 -5.50 14.66
N ASP A 251 -19.66 -5.03 15.58
CA ASP A 251 -21.06 -4.72 15.37
C ASP A 251 -21.25 -3.19 15.46
N LEU A 252 -22.51 -2.77 15.54
CA LEU A 252 -22.80 -1.33 15.55
C LEU A 252 -22.20 -0.64 16.76
N GLU A 253 -22.19 -1.32 17.92
CA GLU A 253 -21.60 -0.72 19.11
C GLU A 253 -20.11 -0.45 18.92
N ALA A 254 -19.40 -1.36 18.25
CA ALA A 254 -17.98 -1.12 18.00
C ALA A 254 -17.77 0.05 17.05
N PHE A 255 -18.57 0.10 15.98
CA PHE A 255 -18.42 1.18 14.99
C PHE A 255 -18.75 2.54 15.59
N LYS A 256 -19.68 2.59 16.54
CA LYS A 256 -20.00 3.85 17.20
C LYS A 256 -18.81 4.36 18.01
N LYS A 257 -18.06 3.46 18.64
CA LYS A 257 -16.90 3.87 19.42
C LYS A 257 -15.74 4.32 18.53
N MET A 258 -15.67 3.83 17.29
CA MET A 258 -14.59 4.20 16.39
C MET A 258 -14.68 5.68 16.00
N LYS A 259 -13.53 6.23 15.62
CA LYS A 259 -13.50 7.62 15.17
C LYS A 259 -14.30 7.76 13.88
N PRO A 260 -15.08 8.82 13.73
CA PRO A 260 -15.78 9.02 12.45
C PRO A 260 -14.82 9.11 11.29
N SER A 261 -13.57 9.48 11.55
CA SER A 261 -12.53 9.57 10.54
C SER A 261 -11.76 8.27 10.34
N ALA A 262 -12.07 7.22 11.09
CA ALA A 262 -11.26 6.00 11.07
C ALA A 262 -11.77 5.03 10.00
N PHE A 263 -10.89 4.11 9.60
CA PHE A 263 -11.17 3.12 8.58
C PHE A 263 -11.10 1.72 9.18
N LEU A 264 -11.86 0.80 8.59
CA LEU A 264 -11.87 -0.60 8.97
C LEU A 264 -11.29 -1.43 7.83
N ILE A 265 -10.41 -2.36 8.16
CA ILE A 265 -9.87 -3.32 7.20
C ILE A 265 -10.16 -4.71 7.75
N ASN A 266 -10.74 -5.57 6.92
CA ASN A 266 -11.00 -6.95 7.35
C ASN A 266 -10.48 -7.92 6.28
N THR A 267 -9.38 -8.60 6.61
CA THR A 267 -8.86 -9.72 5.84
C THR A 267 -8.92 -11.02 6.62
N SER A 268 -9.63 -11.05 7.75
CA SER A 268 -9.63 -12.25 8.59
C SER A 268 -10.72 -13.20 8.15
N ARG A 269 -11.92 -13.08 8.72
CA ARG A 269 -13.06 -13.88 8.34
C ARG A 269 -14.29 -12.98 8.27
N GLY A 270 -15.21 -13.29 7.35
CA GLY A 270 -16.38 -12.45 7.19
C GLY A 270 -17.25 -12.37 8.43
N LYS A 271 -17.33 -13.46 9.20
CA LYS A 271 -18.21 -13.50 10.36
C LYS A 271 -17.71 -12.64 11.53
N VAL A 272 -16.45 -12.15 11.48
CA VAL A 272 -15.98 -11.27 12.55
C VAL A 272 -16.75 -9.96 12.54
N VAL A 273 -17.24 -9.54 11.37
CA VAL A 273 -17.99 -8.31 11.20
C VAL A 273 -19.46 -8.66 10.95
N ARG A 274 -20.37 -7.98 11.65
CA ARG A 274 -21.79 -8.03 11.30
C ARG A 274 -22.04 -7.06 10.14
N GLN A 275 -22.18 -7.62 8.93
CA GLN A 275 -22.22 -6.79 7.72
C GLN A 275 -23.33 -5.74 7.71
N PRO A 276 -24.56 -6.00 8.17
CA PRO A 276 -25.56 -4.92 8.20
C PRO A 276 -25.13 -3.73 9.04
N ASP A 277 -24.39 -3.97 10.13
CA ASP A 277 -23.90 -2.85 10.94
C ASP A 277 -22.79 -2.09 10.21
N LEU A 278 -22.00 -2.78 9.40
CA LEU A 278 -21.02 -2.07 8.59
C LEU A 278 -21.70 -1.17 7.57
N VAL A 279 -22.80 -1.65 6.98
CA VAL A 279 -23.57 -0.81 6.06
C VAL A 279 -24.09 0.43 6.78
N THR A 280 -24.66 0.23 7.97
CA THR A 280 -25.14 1.37 8.75
C THR A 280 -23.97 2.30 9.10
N ALA A 281 -22.84 1.73 9.52
CA ALA A 281 -21.69 2.54 9.92
C ALA A 281 -21.21 3.41 8.77
N ILE A 282 -21.19 2.86 7.56
CA ILE A 282 -20.77 3.63 6.40
C ILE A 282 -21.82 4.67 6.05
N ARG A 283 -23.09 4.24 5.96
CA ARG A 283 -24.14 5.13 5.51
C ARG A 283 -24.33 6.31 6.47
N GLU A 284 -24.31 6.04 7.78
CA GLU A 284 -24.44 7.10 8.76
C GLU A 284 -23.11 7.78 9.09
N LYS A 285 -22.04 7.42 8.39
CA LYS A 285 -20.73 8.03 8.58
C LYS A 285 -20.24 7.87 10.03
N LEU A 286 -20.53 6.71 10.63
CA LEU A 286 -19.92 6.42 11.91
C LEU A 286 -18.43 6.15 11.75
N ILE A 287 -18.00 5.71 10.56
CA ILE A 287 -16.61 5.57 10.20
C ILE A 287 -16.44 6.14 8.79
N ALA A 288 -15.19 6.29 8.37
CA ALA A 288 -14.87 6.98 7.12
C ALA A 288 -14.76 6.05 5.91
N GLY A 289 -14.64 4.75 6.10
CA GLY A 289 -14.49 3.85 4.98
C GLY A 289 -14.10 2.46 5.45
N ALA A 290 -13.99 1.55 4.48
CA ALA A 290 -13.67 0.18 4.82
C ALA A 290 -13.06 -0.52 3.62
N ALA A 291 -12.20 -1.49 3.92
CA ALA A 291 -11.61 -2.36 2.92
C ALA A 291 -11.87 -3.79 3.35
N ILE A 292 -12.40 -4.59 2.44
CA ILE A 292 -13.00 -5.88 2.75
C ILE A 292 -12.46 -6.92 1.78
N ASP A 293 -11.81 -7.95 2.30
CA ASP A 293 -11.41 -9.09 1.50
C ASP A 293 -12.24 -10.33 1.81
N VAL A 294 -13.01 -10.33 2.89
CA VAL A 294 -13.79 -11.48 3.30
C VAL A 294 -15.21 -11.04 3.60
N PHE A 295 -16.17 -11.95 3.39
CA PHE A 295 -17.58 -11.60 3.35
C PHE A 295 -18.42 -12.58 4.18
N GLU A 296 -19.54 -12.08 4.66
CA GLU A 296 -20.59 -12.91 5.25
C GLU A 296 -21.94 -12.30 4.88
N PRO A 297 -22.77 -12.97 4.06
CA PRO A 297 -22.45 -14.29 3.51
C PRO A 297 -21.45 -14.21 2.36
N GLU A 298 -20.85 -15.36 2.03
CA GLU A 298 -19.83 -15.44 1.01
C GLU A 298 -20.26 -16.53 0.03
N PRO A 299 -20.18 -16.28 -1.28
CA PRO A 299 -19.72 -15.07 -1.97
C PRO A 299 -20.71 -13.91 -1.89
N PRO A 300 -20.22 -12.68 -1.99
CA PRO A 300 -21.15 -11.55 -2.00
C PRO A 300 -21.96 -11.54 -3.30
N ALA A 301 -23.22 -11.12 -3.17
CA ALA A 301 -24.18 -11.06 -4.26
C ALA A 301 -23.99 -9.81 -5.10
N ILE A 302 -24.68 -9.80 -6.26
CA ILE A 302 -24.60 -8.72 -7.24
C ILE A 302 -25.15 -7.41 -6.65
N ASN A 303 -26.05 -7.49 -5.68
CA ASN A 303 -26.68 -6.30 -5.13
C ASN A 303 -26.30 -6.06 -3.66
N ASN A 304 -25.04 -6.28 -3.32
CA ASN A 304 -24.58 -6.02 -1.97
C ASN A 304 -24.73 -4.53 -1.67
N PRO A 305 -25.36 -4.15 -0.56
CA PRO A 305 -25.57 -2.72 -0.30
C PRO A 305 -24.27 -1.94 -0.07
N LEU A 306 -23.16 -2.61 0.19
CA LEU A 306 -21.88 -1.92 0.33
C LEU A 306 -21.35 -1.41 -1.00
N TYR A 307 -21.79 -1.99 -2.13
CA TYR A 307 -21.20 -1.64 -3.42
C TYR A 307 -21.44 -0.18 -3.81
N GLU A 308 -22.48 0.45 -3.25
CA GLU A 308 -22.82 1.80 -3.70
C GLU A 308 -21.90 2.86 -3.13
N PHE A 309 -21.10 2.53 -2.10
CA PHE A 309 -20.31 3.52 -1.39
C PHE A 309 -18.91 3.61 -1.98
N ASP A 310 -18.51 4.83 -2.34
CA ASP A 310 -17.19 5.06 -2.94
C ASP A 310 -16.05 4.89 -1.94
N ASN A 311 -16.33 4.86 -0.63
CA ASN A 311 -15.32 4.69 0.39
C ASN A 311 -15.26 3.27 0.94
N VAL A 312 -15.80 2.30 0.21
CA VAL A 312 -15.64 0.88 0.55
C VAL A 312 -14.98 0.18 -0.62
N ILE A 313 -13.93 -0.57 -0.35
CA ILE A 313 -13.21 -1.26 -1.41
C ILE A 313 -13.19 -2.76 -1.10
N PHE A 314 -13.04 -3.54 -2.16
CA PHE A 314 -13.18 -4.99 -2.04
C PHE A 314 -12.08 -5.70 -2.80
N SER A 315 -11.77 -6.90 -2.33
CA SER A 315 -11.04 -7.90 -3.10
C SER A 315 -11.73 -9.24 -2.85
N PRO A 316 -11.76 -10.13 -3.83
CA PRO A 316 -12.61 -11.34 -3.70
C PRO A 316 -11.90 -12.48 -2.97
N HIS A 317 -11.63 -12.27 -1.68
CA HIS A 317 -11.00 -13.27 -0.82
C HIS A 317 -9.74 -13.84 -1.47
N LEU A 318 -8.82 -12.93 -1.79
CA LEU A 318 -7.55 -13.27 -2.42
C LEU A 318 -6.34 -12.84 -1.59
N ALA A 319 -6.54 -12.40 -0.35
CA ALA A 319 -5.42 -11.83 0.40
C ALA A 319 -4.27 -12.80 0.53
N GLY A 320 -4.57 -14.09 0.70
CA GLY A 320 -3.54 -15.09 0.87
C GLY A 320 -3.17 -15.85 -0.39
N VAL A 321 -3.62 -15.42 -1.56
CA VAL A 321 -3.45 -16.22 -2.77
C VAL A 321 -2.36 -15.62 -3.64
N THR A 322 -1.12 -16.06 -3.42
CA THR A 322 0.02 -15.75 -4.27
C THR A 322 0.68 -17.06 -4.66
N PRO A 323 1.46 -17.07 -5.75
CA PRO A 323 2.21 -18.30 -6.11
C PRO A 323 3.07 -18.83 -4.98
N GLU A 324 3.72 -17.94 -4.22
CA GLU A 324 4.58 -18.38 -3.12
C GLU A 324 3.77 -19.05 -2.02
N ALA A 325 2.60 -18.49 -1.69
CA ALA A 325 1.77 -19.10 -0.65
C ALA A 325 1.30 -20.48 -1.07
N GLY A 326 0.93 -20.64 -2.34
CA GLY A 326 0.53 -21.97 -2.81
C GLY A 326 1.66 -22.97 -2.71
N MET A 327 2.88 -22.55 -3.07
CA MET A 327 4.03 -23.44 -2.95
C MET A 327 4.26 -23.86 -1.51
N ALA A 328 4.20 -22.91 -0.58
CA ALA A 328 4.43 -23.25 0.83
C ALA A 328 3.34 -24.18 1.35
N ALA A 329 2.08 -23.93 0.98
CA ALA A 329 1.00 -24.82 1.41
C ALA A 329 1.19 -26.22 0.85
N ALA A 330 1.58 -26.32 -0.42
CA ALA A 330 1.81 -27.62 -1.03
C ALA A 330 2.96 -28.35 -0.34
N LEU A 331 4.05 -27.64 -0.04
CA LEU A 331 5.17 -28.27 0.64
C LEU A 331 4.79 -28.74 2.04
N SER A 332 4.02 -27.93 2.77
CA SER A 332 3.61 -28.27 4.13
C SER A 332 2.71 -29.48 4.15
N ALA A 333 1.75 -29.54 3.23
CA ALA A 333 0.86 -30.70 3.15
C ALA A 333 1.64 -31.95 2.78
N ALA A 334 2.54 -31.85 1.80
CA ALA A 334 3.32 -33.01 1.40
C ALA A 334 4.25 -33.46 2.53
N ASN A 335 4.81 -32.50 3.27
CA ASN A 335 5.77 -32.88 4.29
C ASN A 335 5.10 -33.48 5.52
N GLN A 336 3.92 -32.99 5.89
CA GLN A 336 3.22 -33.57 7.03
C GLN A 336 2.75 -34.99 6.73
N ILE A 337 2.43 -35.29 5.47
CA ILE A 337 2.12 -36.66 5.08
C ILE A 337 3.34 -37.55 5.28
N LEU A 338 4.51 -37.10 4.79
CA LEU A 338 5.72 -37.90 4.91
C LEU A 338 6.15 -38.08 6.36
N GLN A 339 5.96 -37.04 7.19
CA GLN A 339 6.30 -37.13 8.60
C GLN A 339 5.50 -38.23 9.29
N VAL A 340 4.20 -38.34 8.98
CA VAL A 340 3.38 -39.39 9.58
C VAL A 340 3.80 -40.76 9.08
N LEU A 341 4.10 -40.88 7.78
CA LEU A 341 4.50 -42.17 7.23
C LEU A 341 5.86 -42.64 7.72
N GLN A 342 6.63 -41.78 8.41
CA GLN A 342 7.91 -42.13 9.00
C GLN A 342 7.89 -42.09 10.52
N GLY A 343 6.70 -42.06 11.12
CA GLY A 343 6.55 -42.05 12.56
C GLY A 343 6.82 -40.73 13.23
N GLU A 344 7.10 -39.68 12.46
CA GLU A 344 7.38 -38.36 13.03
C GLU A 344 6.08 -37.60 13.24
N LYS A 345 6.00 -36.90 14.36
CA LYS A 345 4.78 -36.19 14.72
C LYS A 345 4.69 -34.88 13.95
N PRO A 346 3.67 -34.68 13.11
CA PRO A 346 3.57 -33.44 12.33
C PRO A 346 3.13 -32.27 13.20
N PRO A 347 3.44 -31.03 12.78
CA PRO A 347 3.18 -29.87 13.65
C PRO A 347 1.73 -29.41 13.70
N TYR A 348 0.87 -29.82 12.77
CA TYR A 348 -0.48 -29.27 12.74
C TYR A 348 -1.54 -30.36 12.85
N ILE A 349 -1.36 -31.29 13.79
CA ILE A 349 -2.35 -32.34 13.99
C ILE A 349 -3.62 -31.73 14.54
N ILE A 350 -4.75 -32.09 13.94
CA ILE A 350 -6.03 -31.57 14.39
C ILE A 350 -6.67 -32.47 15.46
N ASN A 351 -6.46 -33.80 15.38
CA ASN A 351 -6.93 -34.72 16.41
C ASN A 351 -5.76 -35.32 17.18
N PRO A 352 -5.20 -34.60 18.16
CA PRO A 352 -3.98 -35.10 18.84
C PRO A 352 -4.18 -36.37 19.65
N LYS A 353 -5.42 -36.74 20.00
CA LYS A 353 -5.64 -37.90 20.85
C LYS A 353 -5.35 -39.24 20.17
N VAL A 354 -4.94 -39.24 18.90
CA VAL A 354 -4.64 -40.47 18.19
C VAL A 354 -3.15 -40.78 18.15
N TRP A 355 -2.30 -39.83 18.55
CA TRP A 355 -0.87 -40.04 18.53
C TRP A 355 -0.38 -40.76 19.78
N LYS B 38 6.60 44.32 9.18
CA LYS B 38 5.48 44.00 8.30
C LYS B 38 5.84 42.89 7.32
N VAL B 39 4.93 41.95 7.13
CA VAL B 39 5.11 40.82 6.22
C VAL B 39 3.90 40.74 5.29
N LEU B 40 4.15 40.58 4.00
CA LEU B 40 3.11 40.50 2.98
C LEU B 40 2.99 39.07 2.46
N LEU B 41 1.76 38.55 2.45
CA LEU B 41 1.46 37.23 1.90
C LEU B 41 0.85 37.42 0.52
N ILE B 42 1.67 37.27 -0.51
CA ILE B 42 1.20 37.30 -1.90
C ILE B 42 0.58 35.94 -2.21
N GLY B 43 -0.72 35.83 -2.00
CA GLY B 43 -1.40 34.55 -2.05
C GLY B 43 -1.45 33.86 -0.69
N LYS B 44 -2.48 33.03 -0.51
CA LYS B 44 -2.65 32.32 0.74
C LYS B 44 -1.67 31.15 0.83
N MET B 45 -1.27 30.84 2.05
CA MET B 45 -0.43 29.67 2.29
C MET B 45 -1.25 28.39 2.20
N TYR B 46 -0.54 27.25 2.13
CA TYR B 46 -1.21 25.97 2.02
C TYR B 46 -1.93 25.56 3.31
N ASP B 47 -1.60 26.19 4.43
CA ASP B 47 -2.29 25.90 5.68
C ASP B 47 -2.33 27.17 6.52
N GLU B 48 -3.40 27.32 7.29
CA GLU B 48 -3.56 28.51 8.12
C GLU B 48 -2.55 28.58 9.25
N ILE B 49 -1.86 27.49 9.56
CA ILE B 49 -0.91 27.48 10.67
C ILE B 49 0.28 28.39 10.37
N GLY B 50 0.64 28.53 9.09
CA GLY B 50 1.75 29.41 8.73
C GLY B 50 1.39 30.88 8.85
N GLU B 51 0.13 31.23 8.60
CA GLU B 51 -0.29 32.63 8.70
C GLU B 51 -0.41 33.06 10.16
N LYS B 52 -0.90 32.18 11.02
CA LYS B 52 -1.02 32.51 12.44
C LYS B 52 0.35 32.70 13.09
N LEU B 53 1.33 31.88 12.69
CA LEU B 53 2.67 32.00 13.25
C LEU B 53 3.31 33.33 12.85
N LEU B 54 3.12 33.76 11.60
CA LEU B 54 3.62 35.06 11.18
C LEU B 54 2.90 36.19 11.92
N ALA B 55 1.60 36.02 12.18
CA ALA B 55 0.85 37.03 12.91
C ALA B 55 1.29 37.12 14.37
N GLU B 56 1.91 36.06 14.89
CA GLU B 56 2.38 36.11 16.27
C GLU B 56 3.56 37.06 16.44
N TYR B 57 4.33 37.28 15.38
CA TYR B 57 5.52 38.11 15.48
C TYR B 57 5.55 39.30 14.54
N THR B 58 4.70 39.34 13.51
CA THR B 58 4.71 40.43 12.55
C THR B 58 3.28 40.86 12.25
N ASN B 59 3.17 42.02 11.61
CA ASN B 59 1.91 42.51 11.08
C ASN B 59 1.78 41.98 9.66
N VAL B 60 0.83 41.08 9.44
CA VAL B 60 0.73 40.33 8.19
C VAL B 60 -0.48 40.82 7.42
N GLU B 61 -0.27 41.12 6.13
CA GLU B 61 -1.34 41.43 5.20
C GLU B 61 -1.41 40.34 4.15
N ILE B 62 -2.63 39.88 3.85
CA ILE B 62 -2.85 38.77 2.94
C ILE B 62 -3.62 39.27 1.72
N ILE B 63 -3.02 39.11 0.54
CA ILE B 63 -3.68 39.36 -0.73
C ILE B 63 -4.11 38.01 -1.29
N LYS B 64 -5.42 37.76 -1.36
CA LYS B 64 -5.90 36.43 -1.70
C LYS B 64 -5.75 36.15 -3.20
N GLU B 65 -6.14 37.11 -4.05
CA GLU B 65 -6.05 36.99 -5.50
C GLU B 65 -5.09 38.05 -6.02
N PRO B 66 -3.78 37.78 -5.99
CA PRO B 66 -2.79 38.84 -6.23
C PRO B 66 -2.74 39.28 -7.68
N LYS B 67 -2.95 40.57 -7.90
CA LYS B 67 -2.68 41.22 -9.18
C LYS B 67 -1.38 42.00 -9.10
N GLN B 68 -0.81 42.28 -10.27
CA GLN B 68 0.51 42.91 -10.31
C GLN B 68 0.49 44.30 -9.69
N HIS B 69 -0.56 45.08 -9.96
CA HIS B 69 -0.64 46.42 -9.38
C HIS B 69 -0.88 46.39 -7.88
N GLN B 70 -1.59 45.37 -7.37
CA GLN B 70 -1.82 45.26 -5.94
C GLN B 70 -0.51 45.00 -5.19
N ILE B 71 0.39 44.22 -5.78
CA ILE B 71 1.68 43.96 -5.15
C ILE B 71 2.50 45.24 -5.04
N HIS B 72 2.46 46.07 -6.09
CA HIS B 72 3.25 47.31 -6.09
C HIS B 72 2.83 48.23 -4.96
N GLU B 73 1.53 48.26 -4.64
CA GLU B 73 0.99 49.19 -3.65
C GLU B 73 1.07 48.65 -2.23
N ALA B 74 1.44 47.38 -2.05
CA ALA B 74 1.50 46.76 -0.73
C ALA B 74 2.88 46.28 -0.33
N ILE B 75 3.87 46.35 -1.23
CA ILE B 75 5.19 45.78 -0.97
C ILE B 75 6.19 46.85 -0.55
N GLN B 76 5.80 48.12 -0.56
CA GLN B 76 6.77 49.19 -0.43
C GLN B 76 7.40 49.26 0.97
N ASP B 77 6.65 48.88 2.01
CA ASP B 77 7.14 49.02 3.38
C ASP B 77 7.28 47.71 4.14
N VAL B 78 6.99 46.56 3.52
CA VAL B 78 7.05 45.30 4.25
C VAL B 78 8.49 44.82 4.37
N SER B 79 8.73 43.97 5.37
CA SER B 79 10.05 43.40 5.61
C SER B 79 10.21 41.99 5.07
N GLY B 80 9.11 41.26 4.90
CA GLY B 80 9.17 39.91 4.37
C GLY B 80 8.02 39.69 3.41
N VAL B 81 8.25 38.80 2.45
CA VAL B 81 7.29 38.51 1.38
C VAL B 81 7.17 37.00 1.21
N PHE B 82 5.94 36.50 1.20
CA PHE B 82 5.64 35.11 0.86
C PHE B 82 4.99 35.09 -0.52
N VAL B 83 5.48 34.22 -1.40
CA VAL B 83 5.03 34.17 -2.79
C VAL B 83 4.45 32.78 -3.07
N ARG B 84 3.15 32.74 -3.36
CA ARG B 84 2.48 31.50 -3.70
C ARG B 84 2.65 31.18 -5.17
N TYR B 85 3.12 29.97 -5.46
CA TYR B 85 3.28 29.53 -6.84
C TYR B 85 1.93 29.53 -7.55
N PRO B 86 1.86 29.96 -8.82
CA PRO B 86 2.99 30.43 -9.63
C PRO B 86 3.05 31.96 -9.82
N THR B 87 2.57 32.72 -8.84
CA THR B 87 2.59 34.18 -8.96
C THR B 87 4.03 34.68 -9.12
N LYS B 88 4.22 35.65 -10.01
CA LYS B 88 5.55 36.16 -10.31
C LYS B 88 5.90 37.35 -9.44
N LEU B 89 7.19 37.50 -9.14
CA LEU B 89 7.73 38.65 -8.40
C LEU B 89 8.94 39.16 -9.19
N ASP B 90 8.73 40.23 -9.95
CA ASP B 90 9.72 40.71 -10.91
C ASP B 90 10.54 41.86 -10.31
N ALA B 91 11.39 42.48 -11.15
CA ALA B 91 12.28 43.53 -10.69
C ALA B 91 11.54 44.80 -10.28
N GLN B 92 10.36 45.04 -10.87
CA GLN B 92 9.59 46.23 -10.52
C GLN B 92 9.09 46.15 -9.08
N ALA B 93 8.52 45.02 -8.69
CA ALA B 93 8.03 44.87 -7.31
C ALA B 93 9.17 44.85 -6.31
N ILE B 94 10.26 44.15 -6.64
CA ILE B 94 11.42 44.12 -5.75
C ILE B 94 12.02 45.52 -5.63
N GLY B 95 12.00 46.28 -6.74
CA GLY B 95 12.51 47.65 -6.69
C GLY B 95 11.67 48.56 -5.82
N LEU B 96 10.35 48.32 -5.76
CA LEU B 96 9.47 49.12 -4.91
C LEU B 96 9.54 48.71 -3.45
N ALA B 97 10.04 47.52 -3.14
CA ALA B 97 10.10 47.02 -1.77
C ALA B 97 11.34 47.59 -1.09
N LYS B 98 11.14 48.63 -0.28
CA LYS B 98 12.26 49.34 0.32
C LYS B 98 12.85 48.58 1.51
N ASN B 99 12.00 48.01 2.36
CA ASN B 99 12.45 47.33 3.58
C ASN B 99 12.56 45.82 3.43
N LEU B 100 12.49 45.30 2.20
CA LEU B 100 12.48 43.86 2.00
C LEU B 100 13.82 43.25 2.38
N LYS B 101 13.75 42.12 3.09
CA LYS B 101 14.96 41.42 3.51
C LYS B 101 14.91 39.94 3.15
N VAL B 102 13.71 39.37 3.12
CA VAL B 102 13.54 37.94 2.87
C VAL B 102 12.34 37.74 1.95
N ILE B 103 12.52 36.90 0.92
CA ILE B 103 11.44 36.46 0.05
C ILE B 103 11.37 34.95 0.13
N SER B 104 10.17 34.42 0.37
CA SER B 104 9.95 32.99 0.50
C SER B 104 8.90 32.53 -0.50
N THR B 105 9.23 31.48 -1.25
CA THR B 105 8.24 30.85 -2.11
C THR B 105 7.42 29.85 -1.31
N SER B 106 6.42 29.27 -1.94
CA SER B 106 5.58 28.30 -1.25
C SER B 106 6.14 26.89 -1.31
N GLY B 107 6.96 26.58 -2.29
CA GLY B 107 7.51 25.25 -2.46
C GLY B 107 8.89 25.28 -3.04
N PHE B 108 9.20 24.27 -3.86
CA PHE B 108 10.51 24.21 -4.50
C PHE B 108 10.68 25.29 -5.55
N GLY B 109 9.65 25.56 -6.34
CA GLY B 109 9.81 26.37 -7.53
C GLY B 109 10.12 27.81 -7.18
N THR B 110 11.14 28.36 -7.83
CA THR B 110 11.51 29.76 -7.67
C THR B 110 11.69 30.46 -9.02
N ASP B 111 11.17 29.86 -10.10
CA ASP B 111 11.35 30.43 -11.44
C ASP B 111 10.65 31.77 -11.59
N ALA B 112 9.55 31.98 -10.87
CA ALA B 112 8.78 33.22 -11.01
C ALA B 112 9.39 34.40 -10.25
N ILE B 113 10.49 34.20 -9.52
CA ILE B 113 11.12 35.24 -8.74
C ILE B 113 12.36 35.74 -9.47
N ASP B 114 12.50 37.06 -9.58
CA ASP B 114 13.70 37.67 -10.16
C ASP B 114 14.80 37.58 -9.10
N ILE B 115 15.54 36.47 -9.14
CA ILE B 115 16.59 36.23 -8.16
C ILE B 115 17.71 37.26 -8.31
N ALA B 116 18.01 37.65 -9.54
CA ALA B 116 19.09 38.61 -9.78
C ALA B 116 18.79 39.95 -9.14
N ALA B 117 17.52 40.38 -9.18
CA ALA B 117 17.15 41.66 -8.60
C ALA B 117 17.25 41.66 -7.08
N ALA B 118 17.03 40.51 -6.45
CA ALA B 118 17.09 40.44 -4.99
C ALA B 118 18.51 40.34 -4.45
N THR B 119 19.41 39.66 -5.18
CA THR B 119 20.79 39.54 -4.74
C THR B 119 21.48 40.90 -4.70
N LYS B 120 21.23 41.75 -5.71
CA LYS B 120 21.86 43.07 -5.73
C LYS B 120 21.37 43.96 -4.59
N ARG B 121 20.12 43.80 -4.19
CA ARG B 121 19.52 44.61 -3.14
C ARG B 121 19.75 44.04 -1.74
N GLY B 122 20.53 42.96 -1.62
CA GLY B 122 20.81 42.35 -0.33
C GLY B 122 19.72 41.46 0.22
N ILE B 123 18.72 41.10 -0.58
CA ILE B 123 17.59 40.32 -0.11
C ILE B 123 17.90 38.83 -0.27
N VAL B 124 17.80 38.08 0.83
CA VAL B 124 17.96 36.63 0.75
C VAL B 124 16.62 36.02 0.34
N VAL B 125 16.69 34.99 -0.50
CA VAL B 125 15.51 34.28 -0.95
C VAL B 125 15.64 32.82 -0.54
N VAL B 126 14.57 32.28 0.04
CA VAL B 126 14.54 30.89 0.47
C VAL B 126 13.30 30.24 -0.13
N ASN B 127 13.45 28.99 -0.57
CA ASN B 127 12.33 28.17 -1.00
C ASN B 127 11.99 27.17 0.11
N ASN B 128 11.02 26.30 -0.18
CA ASN B 128 10.56 25.31 0.78
C ASN B 128 10.42 23.97 0.07
N PRO B 129 11.54 23.26 -0.15
CA PRO B 129 11.48 21.98 -0.86
C PRO B 129 11.43 20.79 0.07
N GLY B 130 11.02 19.64 -0.47
CA GLY B 130 11.12 18.39 0.25
C GLY B 130 10.11 18.17 1.35
N LEU B 131 9.14 19.06 1.52
CA LEU B 131 8.21 18.94 2.64
C LEU B 131 7.05 17.99 2.35
N SER B 132 7.04 17.33 1.21
CA SER B 132 6.08 16.26 0.97
C SER B 132 6.81 14.94 0.67
N THR B 133 8.06 14.83 1.15
CA THR B 133 8.84 13.61 0.94
C THR B 133 8.10 12.39 1.49
N THR B 134 7.58 12.49 2.72
CA THR B 134 6.88 11.36 3.32
C THR B 134 5.58 11.05 2.58
N ALA B 135 4.83 12.09 2.17
CA ALA B 135 3.57 11.85 1.47
C ALA B 135 3.80 11.11 0.15
N VAL B 136 4.77 11.56 -0.65
CA VAL B 136 4.99 10.90 -1.93
C VAL B 136 5.53 9.49 -1.73
N THR B 137 6.36 9.31 -0.69
CA THR B 137 6.87 7.97 -0.37
C THR B 137 5.72 7.02 -0.09
N GLU B 138 4.82 7.40 0.81
CA GLU B 138 3.65 6.57 1.10
C GLU B 138 2.80 6.38 -0.15
N HIS B 139 2.61 7.45 -0.92
CA HIS B 139 1.80 7.34 -2.13
C HIS B 139 2.45 6.37 -3.12
N THR B 140 3.77 6.42 -3.24
CA THR B 140 4.48 5.48 -4.10
C THR B 140 4.26 4.05 -3.63
N LEU B 141 4.44 3.81 -2.33
CA LEU B 141 4.19 2.48 -1.76
C LEU B 141 2.78 2.02 -2.07
N SER B 142 1.80 2.92 -1.93
CA SER B 142 0.41 2.58 -2.22
C SER B 142 0.23 2.11 -3.65
N MET B 143 0.92 2.75 -4.60
CA MET B 143 0.75 2.39 -5.99
C MET B 143 1.49 1.09 -6.34
N ILE B 144 2.68 0.89 -5.78
CA ILE B 144 3.39 -0.38 -5.98
C ILE B 144 2.53 -1.55 -5.48
N LEU B 145 2.01 -1.42 -4.26
CA LEU B 145 1.21 -2.51 -3.71
C LEU B 145 -0.09 -2.70 -4.52
N ALA B 146 -0.73 -1.60 -4.93
CA ALA B 146 -1.99 -1.71 -5.65
C ALA B 146 -1.81 -2.45 -6.97
N LEU B 147 -0.69 -2.20 -7.66
CA LEU B 147 -0.40 -2.95 -8.88
C LEU B 147 -0.13 -4.42 -8.56
N ALA B 148 0.63 -4.70 -7.51
CA ALA B 148 0.93 -6.08 -7.14
C ALA B 148 -0.35 -6.85 -6.79
N LYS B 149 -1.31 -6.21 -6.14
CA LYS B 149 -2.55 -6.88 -5.75
C LYS B 149 -3.69 -6.65 -6.74
N LYS B 150 -3.44 -5.94 -7.85
CA LYS B 150 -4.45 -5.67 -8.87
C LYS B 150 -5.71 -5.11 -8.24
N LEU B 151 -5.51 -4.12 -7.36
CA LEU B 151 -6.57 -3.68 -6.44
C LEU B 151 -7.74 -3.03 -7.17
N THR B 152 -7.46 -2.07 -8.07
CA THR B 152 -8.57 -1.37 -8.70
C THR B 152 -9.38 -2.32 -9.58
N PHE B 153 -8.70 -3.25 -10.26
CA PHE B 153 -9.38 -4.21 -11.11
C PHE B 153 -10.24 -5.18 -10.30
N LEU B 154 -9.68 -5.74 -9.23
CA LEU B 154 -10.42 -6.69 -8.40
C LEU B 154 -11.59 -6.01 -7.69
N ASN B 155 -11.40 -4.76 -7.27
CA ASN B 155 -12.49 -4.03 -6.62
C ASN B 155 -13.63 -3.79 -7.60
N GLN B 156 -13.31 -3.46 -8.84
CA GLN B 156 -14.34 -3.27 -9.84
C GLN B 156 -15.06 -4.58 -10.16
N CYS B 157 -14.32 -5.69 -10.20
CA CYS B 157 -14.93 -6.99 -10.47
C CYS B 157 -15.93 -7.37 -9.38
N VAL B 158 -15.58 -7.16 -8.11
CA VAL B 158 -16.51 -7.49 -7.03
C VAL B 158 -17.75 -6.62 -7.11
N LYS B 159 -17.58 -5.32 -7.32
CA LYS B 159 -18.71 -4.40 -7.36
C LYS B 159 -19.65 -4.71 -8.52
N ALA B 160 -19.17 -5.39 -9.57
CA ALA B 160 -20.01 -5.80 -10.68
C ALA B 160 -20.56 -7.21 -10.51
N GLY B 161 -20.43 -7.79 -9.33
CA GLY B 161 -20.91 -9.14 -9.09
C GLY B 161 -20.02 -10.24 -9.61
N ASN B 162 -18.83 -9.91 -10.09
CA ASN B 162 -17.90 -10.90 -10.63
C ASN B 162 -16.83 -11.26 -9.60
N TYR B 163 -17.33 -11.70 -8.42
CA TYR B 163 -16.45 -12.22 -7.39
C TYR B 163 -15.64 -13.41 -7.89
N LEU B 164 -16.21 -14.20 -8.81
CA LEU B 164 -15.55 -15.41 -9.30
C LEU B 164 -14.31 -15.15 -10.13
N ILE B 165 -13.96 -13.88 -10.38
CA ILE B 165 -12.69 -13.53 -11.01
C ILE B 165 -11.51 -14.08 -10.21
N ARG B 166 -11.72 -14.39 -8.93
CA ARG B 166 -10.65 -14.92 -8.09
C ARG B 166 -10.07 -16.22 -8.63
N ASN B 167 -10.80 -16.94 -9.49
CA ASN B 167 -10.29 -18.17 -10.07
C ASN B 167 -9.33 -17.95 -11.24
N GLN B 168 -9.39 -16.79 -11.89
CA GLN B 168 -8.51 -16.50 -13.02
C GLN B 168 -7.33 -15.60 -12.67
N VAL B 169 -7.53 -14.60 -11.81
CA VAL B 169 -6.54 -13.57 -11.54
C VAL B 169 -5.82 -13.90 -10.23
N GLN B 170 -4.50 -13.71 -10.22
CA GLN B 170 -3.68 -14.02 -9.05
C GLN B 170 -2.78 -12.82 -8.71
N PRO B 171 -2.84 -12.30 -7.49
CA PRO B 171 -1.95 -11.20 -7.10
C PRO B 171 -0.49 -11.63 -7.06
N ILE B 172 0.37 -10.63 -6.97
CA ILE B 172 1.81 -10.81 -6.91
C ILE B 172 2.28 -10.53 -5.49
N GLN B 173 3.23 -11.34 -5.02
CA GLN B 173 3.85 -11.14 -3.71
C GLN B 173 5.11 -10.29 -3.88
N LEU B 174 5.21 -9.20 -3.11
CA LEU B 174 6.34 -8.29 -3.28
C LEU B 174 7.63 -8.84 -2.72
N GLU B 175 7.56 -9.63 -1.64
CA GLU B 175 8.76 -10.15 -1.00
C GLU B 175 9.63 -10.90 -2.01
N GLY B 176 10.91 -10.54 -2.07
CA GLY B 176 11.85 -11.19 -2.96
C GLY B 176 11.90 -10.63 -4.36
N LYS B 177 10.94 -9.79 -4.76
CA LYS B 177 10.97 -9.18 -6.08
C LYS B 177 12.00 -8.05 -6.13
N THR B 178 12.27 -7.56 -7.33
CA THR B 178 13.27 -6.51 -7.52
C THR B 178 12.57 -5.18 -7.80
N LEU B 179 12.86 -4.18 -6.97
CA LEU B 179 12.40 -2.81 -7.20
C LEU B 179 13.54 -2.00 -7.80
N GLY B 180 13.27 -1.36 -8.94
CA GLY B 180 14.23 -0.47 -9.56
C GLY B 180 13.83 0.97 -9.35
N ILE B 181 14.71 1.73 -8.70
CA ILE B 181 14.47 3.13 -8.38
C ILE B 181 15.35 4.00 -9.27
N VAL B 182 14.72 4.94 -9.96
CA VAL B 182 15.43 5.92 -10.79
C VAL B 182 15.41 7.25 -10.04
N GLY B 183 16.59 7.69 -9.59
CA GLY B 183 16.65 8.90 -8.78
C GLY B 183 16.62 8.57 -7.30
N LEU B 184 17.80 8.61 -6.68
CA LEU B 184 17.93 8.30 -5.26
C LEU B 184 18.09 9.59 -4.45
N GLY B 185 17.08 10.44 -4.55
CA GLY B 185 17.00 11.67 -3.78
C GLY B 185 16.20 11.50 -2.52
N ARG B 186 15.51 12.56 -2.11
CA ARG B 186 14.73 12.52 -0.89
C ARG B 186 13.66 11.42 -0.93
N ILE B 187 12.83 11.42 -1.97
CA ILE B 187 11.78 10.42 -2.06
C ILE B 187 12.35 9.06 -2.44
N GLY B 188 13.23 9.02 -3.45
CA GLY B 188 13.78 7.75 -3.88
C GLY B 188 14.46 6.98 -2.77
N SER B 189 15.22 7.68 -1.92
CA SER B 189 15.88 7.03 -0.79
C SER B 189 14.85 6.48 0.20
N ALA B 190 13.82 7.27 0.52
CA ALA B 190 12.82 6.82 1.49
C ALA B 190 12.02 5.64 0.95
N VAL B 191 11.73 5.64 -0.35
CA VAL B 191 11.03 4.49 -0.94
C VAL B 191 11.94 3.26 -0.94
N ALA B 192 13.22 3.46 -1.29
CA ALA B 192 14.18 2.35 -1.25
C ALA B 192 14.23 1.74 0.14
N LYS B 193 14.29 2.58 1.18
CA LYS B 193 14.45 2.09 2.54
C LYS B 193 13.26 1.23 2.96
N ILE B 194 12.03 1.64 2.62
CA ILE B 194 10.86 0.86 3.02
C ILE B 194 10.84 -0.48 2.31
N CYS B 195 11.02 -0.47 0.98
CA CYS B 195 10.86 -1.68 0.20
C CYS B 195 11.97 -2.69 0.46
N SER B 196 13.17 -2.23 0.83
CA SER B 196 14.27 -3.18 1.05
C SER B 196 14.16 -3.88 2.39
N THR B 197 13.79 -3.16 3.45
CA THR B 197 13.77 -3.73 4.80
C THR B 197 12.37 -4.26 5.16
N ALA B 198 11.36 -3.40 5.11
CA ALA B 198 10.02 -3.80 5.54
C ALA B 198 9.39 -4.79 4.58
N LEU B 199 9.49 -4.53 3.27
CA LEU B 199 8.86 -5.41 2.28
C LEU B 199 9.81 -6.48 1.75
N GLN B 200 11.08 -6.46 2.15
CA GLN B 200 12.03 -7.52 1.80
C GLN B 200 12.18 -7.65 0.29
N MET B 201 12.23 -6.52 -0.40
CA MET B 201 12.49 -6.51 -1.83
C MET B 201 13.97 -6.26 -2.08
N ARG B 202 14.45 -6.77 -3.20
CA ARG B 202 15.75 -6.41 -3.72
C ARG B 202 15.61 -5.06 -4.42
N VAL B 203 16.39 -4.08 -4.01
CA VAL B 203 16.25 -2.72 -4.51
C VAL B 203 17.49 -2.33 -5.30
N LEU B 204 17.30 -1.99 -6.57
CA LEU B 204 18.33 -1.38 -7.38
C LEU B 204 18.06 0.11 -7.49
N ALA B 205 19.12 0.90 -7.63
CA ALA B 205 19.01 2.34 -7.76
C ALA B 205 19.92 2.84 -8.88
N TYR B 206 19.40 3.77 -9.68
CA TYR B 206 20.19 4.45 -10.70
C TYR B 206 20.14 5.95 -10.44
N ASP B 207 21.30 6.53 -10.14
CA ASP B 207 21.44 7.95 -9.85
C ASP B 207 22.92 8.30 -9.92
N PRO B 208 23.38 8.87 -11.05
CA PRO B 208 24.82 9.11 -11.22
C PRO B 208 25.36 10.29 -10.42
N TYR B 209 24.53 11.04 -9.69
CA TYR B 209 24.98 12.25 -9.03
C TYR B 209 24.97 12.15 -7.51
N VAL B 210 24.84 10.95 -6.96
CA VAL B 210 24.80 10.76 -5.52
C VAL B 210 26.08 10.02 -5.13
N PRO B 211 26.63 10.27 -3.94
CA PRO B 211 27.83 9.54 -3.51
C PRO B 211 27.62 8.04 -3.64
N SER B 212 28.70 7.34 -4.00
CA SER B 212 28.61 5.92 -4.35
C SER B 212 28.10 5.07 -3.19
N GLY B 213 28.29 5.53 -1.95
CA GLY B 213 27.84 4.78 -0.79
C GLY B 213 26.44 5.09 -0.30
N LYS B 214 25.72 5.98 -0.98
CA LYS B 214 24.40 6.40 -0.50
C LYS B 214 23.37 5.27 -0.58
N ALA B 215 23.47 4.41 -1.60
CA ALA B 215 22.50 3.31 -1.72
C ALA B 215 22.59 2.37 -0.53
N ASP B 216 23.79 2.19 0.04
CA ASP B 216 23.96 1.28 1.17
C ASP B 216 23.28 1.81 2.43
N THR B 217 23.15 3.13 2.57
CA THR B 217 22.48 3.70 3.73
C THR B 217 21.00 3.31 3.79
N VAL B 218 20.39 3.06 2.63
CA VAL B 218 19.00 2.61 2.55
C VAL B 218 18.91 1.17 2.04
N ARG B 219 20.02 0.43 2.08
CA ARG B 219 20.07 -0.99 1.73
C ARG B 219 19.60 -1.24 0.29
N ALA B 220 20.11 -0.42 -0.62
CA ALA B 220 19.92 -0.60 -2.05
C ALA B 220 21.29 -0.79 -2.70
N THR B 221 21.28 -1.27 -3.94
CA THR B 221 22.51 -1.43 -4.71
C THR B 221 22.52 -0.40 -5.83
N LEU B 222 23.49 0.51 -5.78
CA LEU B 222 23.64 1.49 -6.84
C LEU B 222 24.26 0.83 -8.07
N VAL B 223 23.58 0.96 -9.21
CA VAL B 223 24.08 0.41 -10.46
C VAL B 223 24.49 1.56 -11.35
N GLN B 224 25.55 1.33 -12.14
CA GLN B 224 26.08 2.35 -13.04
C GLN B 224 25.36 2.38 -14.38
N ASP B 225 24.78 1.26 -14.81
CA ASP B 225 24.14 1.15 -16.11
C ASP B 225 22.63 1.06 -15.92
N LEU B 226 21.90 2.05 -16.44
CA LEU B 226 20.45 2.05 -16.32
C LEU B 226 19.82 0.83 -16.98
N ASP B 227 20.40 0.35 -18.08
CA ASP B 227 19.89 -0.86 -18.74
C ASP B 227 19.84 -2.03 -17.78
N TYR B 228 20.81 -2.11 -16.88
CA TYR B 228 20.82 -3.20 -15.89
C TYR B 228 19.60 -3.13 -14.98
N LEU B 229 19.26 -1.93 -14.49
CA LEU B 229 18.06 -1.78 -13.68
C LEU B 229 16.82 -2.18 -14.46
N LEU B 230 16.79 -1.88 -15.76
CA LEU B 230 15.59 -2.16 -16.55
C LEU B 230 15.35 -3.65 -16.72
N THR B 231 16.39 -4.41 -17.01
CA THR B 231 16.21 -5.83 -17.26
C THR B 231 16.08 -6.66 -15.98
N GLU B 232 16.47 -6.12 -14.83
CA GLU B 232 16.44 -6.87 -13.59
C GLU B 232 15.22 -6.58 -12.72
N SER B 233 14.52 -5.47 -12.95
CA SER B 233 13.45 -5.04 -12.05
C SER B 233 12.12 -5.68 -12.40
N ASP B 234 11.38 -6.05 -11.36
CA ASP B 234 9.97 -6.40 -11.51
C ASP B 234 9.05 -5.20 -11.31
N PHE B 235 9.55 -4.16 -10.64
CA PHE B 235 8.84 -2.90 -10.46
C PHE B 235 9.85 -1.78 -10.65
N VAL B 236 9.48 -0.78 -11.44
CA VAL B 236 10.34 0.38 -11.67
C VAL B 236 9.59 1.64 -11.21
N SER B 237 10.17 2.36 -10.26
CA SER B 237 9.57 3.57 -9.73
C SER B 237 10.48 4.76 -10.03
N LEU B 238 9.91 5.81 -10.63
CA LEU B 238 10.67 6.98 -11.06
C LEU B 238 10.61 8.08 -10.00
N HIS B 239 11.78 8.48 -9.50
CA HIS B 239 11.87 9.64 -8.62
C HIS B 239 13.01 10.59 -8.97
N PRO B 240 13.34 10.83 -10.24
CA PRO B 240 14.43 11.76 -10.54
C PRO B 240 13.93 13.20 -10.59
N GLU B 241 14.89 14.12 -10.51
CA GLU B 241 14.61 15.50 -10.86
C GLU B 241 14.41 15.58 -12.37
N LEU B 242 13.51 16.46 -12.81
CA LEU B 242 13.29 16.65 -14.24
C LEU B 242 14.44 17.52 -14.77
N THR B 243 15.32 16.92 -15.56
CA THR B 243 16.42 17.62 -16.22
C THR B 243 16.36 17.30 -17.71
N ASP B 244 17.26 17.93 -18.48
CA ASP B 244 17.36 17.62 -19.90
C ASP B 244 17.77 16.17 -20.13
N GLU B 245 18.50 15.59 -19.16
CA GLU B 245 18.94 14.20 -19.27
C GLU B 245 17.81 13.23 -18.94
N THR B 246 16.97 13.55 -17.96
CA THR B 246 15.87 12.67 -17.56
C THR B 246 14.59 12.93 -18.33
N CYS B 247 14.50 14.03 -19.08
CA CYS B 247 13.30 14.31 -19.86
C CYS B 247 13.08 13.22 -20.90
N GLU B 248 11.92 12.57 -20.83
CA GLU B 248 11.59 11.44 -21.70
C GLU B 248 12.64 10.34 -21.61
N MET B 249 13.26 10.23 -20.43
CA MET B 249 14.20 9.14 -20.17
C MET B 249 13.55 7.78 -20.36
N PHE B 250 12.27 7.65 -20.01
CA PHE B 250 11.55 6.40 -20.19
C PHE B 250 10.73 6.49 -21.47
N ASP B 251 11.36 6.09 -22.57
CA ASP B 251 10.76 6.02 -23.89
C ASP B 251 10.61 4.56 -24.30
N LEU B 252 10.34 4.32 -25.58
CA LEU B 252 10.07 2.97 -26.05
C LEU B 252 11.28 2.05 -25.89
N GLU B 253 12.49 2.58 -26.08
CA GLU B 253 13.69 1.78 -25.91
C GLU B 253 13.81 1.26 -24.49
N ALA B 254 13.42 2.09 -23.51
CA ALA B 254 13.46 1.66 -22.11
C ALA B 254 12.42 0.57 -21.85
N PHE B 255 11.22 0.72 -22.39
CA PHE B 255 10.16 -0.26 -22.15
C PHE B 255 10.47 -1.62 -22.76
N LYS B 256 11.17 -1.65 -23.89
CA LYS B 256 11.57 -2.93 -24.46
C LYS B 256 12.55 -3.65 -23.53
N LYS B 257 13.48 -2.90 -22.93
CA LYS B 257 14.45 -3.53 -22.04
C LYS B 257 13.80 -4.01 -20.75
N MET B 258 12.70 -3.38 -20.34
CA MET B 258 12.01 -3.77 -19.11
C MET B 258 11.39 -5.15 -19.27
N LYS B 259 11.23 -5.82 -18.14
CA LYS B 259 10.61 -7.13 -18.12
C LYS B 259 9.14 -7.01 -18.54
N PRO B 260 8.65 -7.92 -19.39
CA PRO B 260 7.23 -7.87 -19.77
C PRO B 260 6.28 -8.06 -18.60
N SER B 261 6.73 -8.67 -17.52
CA SER B 261 5.90 -8.81 -16.33
C SER B 261 6.04 -7.63 -15.38
N ALA B 262 6.88 -6.65 -15.72
CA ALA B 262 7.23 -5.58 -14.79
C ALA B 262 6.23 -4.43 -14.88
N PHE B 263 6.19 -3.63 -13.81
CA PHE B 263 5.30 -2.49 -13.70
C PHE B 263 6.10 -1.21 -13.62
N LEU B 264 5.49 -0.11 -14.07
CA LEU B 264 6.07 1.21 -13.99
C LEU B 264 5.26 2.08 -13.03
N ILE B 265 5.95 2.79 -12.13
CA ILE B 265 5.32 3.76 -11.25
C ILE B 265 6.01 5.11 -11.47
N ASN B 266 5.20 6.16 -11.68
CA ASN B 266 5.74 7.51 -11.87
C ASN B 266 5.03 8.49 -10.96
N THR B 267 5.73 8.95 -9.93
CA THR B 267 5.28 10.03 -9.08
C THR B 267 6.17 11.26 -9.18
N SER B 268 7.08 11.31 -10.17
CA SER B 268 8.03 12.41 -10.27
C SER B 268 7.48 13.55 -11.11
N ARG B 269 7.72 13.52 -12.42
CA ARG B 269 7.20 14.49 -13.37
C ARG B 269 6.75 13.77 -14.64
N GLY B 270 5.68 14.31 -15.25
CA GLY B 270 5.13 13.68 -16.43
C GLY B 270 6.10 13.63 -17.61
N LYS B 271 6.95 14.65 -17.73
CA LYS B 271 7.88 14.71 -18.85
C LYS B 271 9.00 13.69 -18.76
N VAL B 272 9.17 13.03 -17.61
CA VAL B 272 10.18 11.97 -17.52
C VAL B 272 9.78 10.81 -18.41
N VAL B 273 8.47 10.62 -18.60
CA VAL B 273 7.94 9.55 -19.43
C VAL B 273 7.50 10.16 -20.74
N ARG B 274 7.87 9.54 -21.85
CA ARG B 274 7.29 9.90 -23.14
C ARG B 274 5.95 9.18 -23.21
N GLN B 275 4.87 9.90 -22.95
CA GLN B 275 3.57 9.27 -22.77
C GLN B 275 3.13 8.43 -23.96
N PRO B 276 3.31 8.84 -25.22
CA PRO B 276 2.94 7.94 -26.33
C PRO B 276 3.65 6.60 -26.27
N ASP B 277 4.90 6.56 -25.81
CA ASP B 277 5.58 5.27 -25.69
C ASP B 277 5.01 4.42 -24.56
N LEU B 278 4.51 5.05 -23.49
CA LEU B 278 3.83 4.27 -22.45
C LEU B 278 2.53 3.68 -22.97
N VAL B 279 1.80 4.44 -23.79
CA VAL B 279 0.56 3.93 -24.39
C VAL B 279 0.87 2.71 -25.24
N THR B 280 1.93 2.79 -26.06
CA THR B 280 2.34 1.64 -26.86
C THR B 280 2.79 0.49 -25.98
N ALA B 281 3.56 0.78 -24.92
CA ALA B 281 4.08 -0.28 -24.06
C ALA B 281 2.95 -1.07 -23.41
N ILE B 282 1.88 -0.40 -22.99
CA ILE B 282 0.76 -1.08 -22.35
C ILE B 282 -0.04 -1.86 -23.40
N ARG B 283 -0.37 -1.21 -24.51
CA ARG B 283 -1.20 -1.84 -25.52
C ARG B 283 -0.53 -3.06 -26.14
N GLU B 284 0.77 -2.95 -26.44
CA GLU B 284 1.53 -4.07 -26.99
C GLU B 284 2.06 -5.01 -25.91
N LYS B 285 1.72 -4.77 -24.64
CA LYS B 285 2.13 -5.63 -23.53
C LYS B 285 3.65 -5.72 -23.42
N LEU B 286 4.34 -4.61 -23.68
CA LEU B 286 5.76 -4.54 -23.39
C LEU B 286 6.02 -4.56 -21.89
N ILE B 287 5.05 -4.10 -21.10
CA ILE B 287 5.08 -4.19 -19.64
C ILE B 287 3.72 -4.65 -19.17
N ALA B 288 3.62 -4.97 -17.88
CA ALA B 288 2.40 -5.55 -17.34
C ALA B 288 1.41 -4.52 -16.81
N GLY B 289 1.84 -3.28 -16.59
CA GLY B 289 0.96 -2.28 -16.04
C GLY B 289 1.74 -1.04 -15.62
N ALA B 290 0.99 -0.06 -15.15
CA ALA B 290 1.59 1.21 -14.75
C ALA B 290 0.71 1.92 -13.74
N ALA B 291 1.34 2.72 -12.89
CA ALA B 291 0.66 3.59 -11.94
C ALA B 291 1.22 5.00 -12.11
N ILE B 292 0.33 5.97 -12.28
CA ILE B 292 0.70 7.30 -12.77
C ILE B 292 0.07 8.36 -11.88
N ASP B 293 0.88 9.22 -11.28
CA ASP B 293 0.39 10.38 -10.55
C ASP B 293 0.69 11.70 -11.26
N VAL B 294 1.56 11.71 -12.26
CA VAL B 294 1.92 12.94 -12.95
C VAL B 294 1.81 12.70 -14.45
N PHE B 295 1.45 13.76 -15.18
CA PHE B 295 1.03 13.63 -16.56
C PHE B 295 1.77 14.62 -17.45
N GLU B 296 1.89 14.25 -18.72
CA GLU B 296 2.34 15.15 -19.76
C GLU B 296 1.51 14.91 -21.01
N PRO B 297 0.69 15.88 -21.42
CA PRO B 297 0.54 17.18 -20.75
C PRO B 297 -0.31 17.10 -19.49
N GLU B 298 -0.24 18.15 -18.67
CA GLU B 298 -0.99 18.19 -17.42
C GLU B 298 -1.76 19.50 -17.36
N PRO B 299 -3.07 19.47 -17.06
CA PRO B 299 -3.86 18.26 -16.77
C PRO B 299 -4.08 17.39 -18.00
N PRO B 300 -4.27 16.09 -17.79
CA PRO B 300 -4.54 15.19 -18.91
C PRO B 300 -5.90 15.46 -19.54
N ALA B 301 -6.01 15.15 -20.82
CA ALA B 301 -7.26 15.43 -21.51
C ALA B 301 -8.33 14.46 -21.03
N ILE B 302 -9.59 14.84 -21.27
CA ILE B 302 -10.70 14.07 -20.74
C ILE B 302 -10.76 12.68 -21.38
N ASN B 303 -10.22 12.54 -22.59
CA ASN B 303 -10.22 11.29 -23.32
C ASN B 303 -8.81 10.73 -23.49
N ASN B 304 -7.99 10.80 -22.44
CA ASN B 304 -6.63 10.29 -22.52
C ASN B 304 -6.66 8.82 -22.89
N PRO B 305 -5.87 8.38 -23.88
CA PRO B 305 -5.95 6.98 -24.32
C PRO B 305 -5.50 5.98 -23.26
N LEU B 306 -4.78 6.41 -22.23
CA LEU B 306 -4.39 5.49 -21.16
C LEU B 306 -5.59 5.07 -20.31
N TYR B 307 -6.68 5.85 -20.34
CA TYR B 307 -7.80 5.58 -19.45
C TYR B 307 -8.48 4.24 -19.71
N GLU B 308 -8.35 3.69 -20.92
CA GLU B 308 -9.12 2.50 -21.27
C GLU B 308 -8.54 1.21 -20.71
N PHE B 309 -7.32 1.23 -20.18
CA PHE B 309 -6.63 0.01 -19.78
C PHE B 309 -6.87 -0.31 -18.32
N ASP B 310 -7.29 -1.56 -18.05
CA ASP B 310 -7.55 -1.99 -16.67
C ASP B 310 -6.27 -2.14 -15.86
N ASN B 311 -5.12 -2.21 -16.50
CA ASN B 311 -3.85 -2.36 -15.80
C ASN B 311 -3.07 -1.05 -15.71
N VAL B 312 -3.73 0.08 -15.89
CA VAL B 312 -3.14 1.38 -15.63
C VAL B 312 -4.01 2.08 -14.61
N ILE B 313 -3.39 2.59 -13.56
CA ILE B 313 -4.13 3.28 -12.51
C ILE B 313 -3.57 4.69 -12.37
N PHE B 314 -4.42 5.60 -11.89
CA PHE B 314 -4.09 7.01 -11.88
C PHE B 314 -4.48 7.66 -10.56
N SER B 315 -3.78 8.74 -10.25
CA SER B 315 -4.20 9.71 -9.24
C SER B 315 -3.89 11.09 -9.81
N PRO B 316 -4.71 12.08 -9.50
CA PRO B 316 -4.58 13.39 -10.17
C PRO B 316 -3.55 14.31 -9.51
N HIS B 317 -2.28 13.92 -9.61
CA HIS B 317 -1.16 14.69 -9.07
C HIS B 317 -1.41 15.05 -7.60
N LEU B 318 -1.61 14.03 -6.79
CA LEU B 318 -1.90 14.21 -5.37
C LEU B 318 -0.89 13.52 -4.45
N ALA B 319 0.22 13.00 -5.00
CA ALA B 319 1.13 12.19 -4.20
C ALA B 319 1.70 12.97 -3.03
N GLY B 320 1.98 14.26 -3.24
CA GLY B 320 2.55 15.09 -2.20
C GLY B 320 1.56 15.91 -1.41
N VAL B 321 0.26 15.66 -1.57
CA VAL B 321 -0.78 16.51 -0.98
C VAL B 321 -1.43 15.80 0.20
N THR B 322 -0.93 16.05 1.39
CA THR B 322 -1.54 15.62 2.64
C THR B 322 -1.67 16.85 3.53
N PRO B 323 -2.59 16.83 4.50
CA PRO B 323 -2.65 17.95 5.45
C PRO B 323 -1.32 18.19 6.14
N GLU B 324 -0.60 17.11 6.49
CA GLU B 324 0.68 17.27 7.18
C GLU B 324 1.72 17.93 6.28
N ALA B 325 1.79 17.52 5.01
CA ALA B 325 2.75 18.16 4.11
C ALA B 325 2.43 19.63 3.91
N GLY B 326 1.15 19.97 3.81
CA GLY B 326 0.77 21.37 3.69
C GLY B 326 1.16 22.18 4.91
N MET B 327 0.92 21.64 6.11
CA MET B 327 1.32 22.33 7.33
C MET B 327 2.83 22.54 7.38
N ALA B 328 3.59 21.50 7.04
CA ALA B 328 5.05 21.58 7.07
C ALA B 328 5.56 22.65 6.12
N ALA B 329 4.94 22.75 4.93
CA ALA B 329 5.33 23.78 3.98
C ALA B 329 5.01 25.17 4.53
N ALA B 330 3.82 25.32 5.14
CA ALA B 330 3.45 26.61 5.72
C ALA B 330 4.38 26.99 6.87
N LEU B 331 4.68 26.04 7.75
CA LEU B 331 5.58 26.33 8.88
C LEU B 331 6.99 26.62 8.40
N SER B 332 7.47 25.88 7.40
CA SER B 332 8.84 26.11 6.93
C SER B 332 8.98 27.49 6.31
N ALA B 333 8.00 27.90 5.50
CA ALA B 333 8.05 29.21 4.88
C ALA B 333 7.93 30.32 5.92
N ALA B 334 6.98 30.19 6.85
CA ALA B 334 6.78 31.22 7.86
C ALA B 334 7.98 31.32 8.78
N ASN B 335 8.60 30.19 9.09
CA ASN B 335 9.70 30.19 10.06
C ASN B 335 10.99 30.71 9.46
N GLN B 336 11.24 30.45 8.17
CA GLN B 336 12.43 30.98 7.53
C GLN B 336 12.36 32.50 7.39
N ILE B 337 11.15 33.06 7.25
CA ILE B 337 11.01 34.52 7.26
C ILE B 337 11.47 35.09 8.58
N LEU B 338 11.02 34.48 9.68
CA LEU B 338 11.38 34.97 11.01
C LEU B 338 12.88 34.81 11.28
N GLN B 339 13.51 33.74 10.75
CA GLN B 339 14.95 33.56 10.93
C GLN B 339 15.75 34.72 10.33
N VAL B 340 15.37 35.15 9.12
CA VAL B 340 16.08 36.25 8.48
C VAL B 340 15.85 37.55 9.26
N LEU B 341 14.62 37.77 9.71
CA LEU B 341 14.30 38.97 10.47
C LEU B 341 14.96 38.99 11.84
N GLN B 342 15.56 37.88 12.27
CA GLN B 342 16.29 37.81 13.53
C GLN B 342 17.77 37.55 13.32
N GLY B 343 18.27 37.69 12.09
CA GLY B 343 19.68 37.48 11.81
C GLY B 343 20.13 36.04 11.76
N GLU B 344 19.21 35.08 11.90
CA GLU B 344 19.57 33.66 11.88
C GLU B 344 19.56 33.14 10.44
N LYS B 345 20.52 32.27 10.14
CA LYS B 345 20.69 31.75 8.78
C LYS B 345 19.66 30.67 8.48
N PRO B 346 18.78 30.88 7.50
CA PRO B 346 17.76 29.85 7.18
C PRO B 346 18.38 28.70 6.41
N PRO B 347 17.75 27.53 6.45
CA PRO B 347 18.37 26.34 5.83
C PRO B 347 18.25 26.27 4.31
N TYR B 348 17.36 27.04 3.69
CA TYR B 348 17.15 26.86 2.25
C TYR B 348 17.41 28.14 1.46
N ILE B 349 18.53 28.81 1.74
CA ILE B 349 18.88 30.01 0.98
C ILE B 349 19.22 29.63 -0.46
N ILE B 350 18.61 30.31 -1.40
CA ILE B 350 18.88 30.06 -2.82
C ILE B 350 20.05 30.88 -3.33
N ASN B 351 20.23 32.11 -2.81
CA ASN B 351 21.37 32.94 -3.17
C ASN B 351 22.31 33.06 -1.99
N PRO B 352 23.19 32.08 -1.78
CA PRO B 352 24.05 32.10 -0.58
C PRO B 352 25.03 33.27 -0.55
N LYS B 353 25.32 33.90 -1.68
CA LYS B 353 26.28 35.00 -1.71
C LYS B 353 25.74 36.26 -1.07
N VAL B 354 24.51 36.24 -0.54
CA VAL B 354 23.92 37.41 0.09
C VAL B 354 24.02 37.36 1.62
N TRP B 355 24.35 36.21 2.19
CA TRP B 355 24.44 36.09 3.64
C TRP B 355 25.83 36.48 4.15
PA NAD C . -3.32 -16.83 14.18
O1A NAD C . -3.93 -18.09 14.79
O2A NAD C . -1.81 -16.91 14.00
O5B NAD C . -3.69 -15.53 15.14
C5B NAD C . -5.00 -15.23 15.36
C4B NAD C . -5.12 -14.47 16.68
O4B NAD C . -6.39 -14.30 17.00
C3B NAD C . -4.47 -15.28 17.85
O3B NAD C . -3.37 -14.68 18.34
C2B NAD C . -5.59 -15.25 18.90
O2B NAD C . -5.03 -15.02 20.25
C1B NAD C . -6.33 -14.02 18.37
N9A NAD C . -7.57 -13.85 19.06
C8A NAD C . -8.28 -14.88 19.50
N7A NAD C . -9.34 -14.39 20.14
C5A NAD C . -9.26 -13.06 20.10
C6A NAD C . -10.09 -12.07 20.59
N6A NAD C . -11.32 -12.22 21.35
N1A NAD C . -9.77 -10.79 20.41
C2A NAD C . -8.65 -10.46 19.73
N3A NAD C . -7.84 -11.43 19.25
C4A NAD C . -8.17 -12.73 19.44
O3 NAD C . -4.02 -16.66 12.72
PN NAD C . -3.37 -15.85 11.43
O1N NAD C . -2.57 -16.82 10.59
O2N NAD C . -2.51 -14.66 11.84
O5D NAD C . -4.68 -15.33 10.57
C5D NAD C . -5.51 -14.37 11.13
C4D NAD C . -6.81 -14.36 10.41
O4D NAD C . -6.62 -14.22 9.10
C3D NAD C . -7.57 -15.79 10.65
O3D NAD C . -9.01 -15.46 10.86
C2D NAD C . -7.37 -16.52 9.34
O2D NAD C . -8.52 -17.48 9.07
C1D NAD C . -7.40 -15.26 8.36
N1N NAD C . -6.82 -15.51 7.16
C2N NAD C . -7.37 -14.97 6.04
C3N NAD C . -6.80 -15.18 4.79
C7N NAD C . -7.43 -14.53 3.55
O7N NAD C . -8.14 -13.54 3.68
N7N NAD C . -7.20 -15.09 2.23
C4N NAD C . -5.67 -15.96 4.69
C5N NAD C . -5.10 -16.50 5.83
C6N NAD C . -5.68 -16.27 7.07
PA NAP D . -15.90 14.10 3.52
O1A NAP D . -15.60 15.52 4.32
O2A NAP D . -15.91 14.36 2.04
O5B NAP D . -17.23 13.55 3.95
O3 NAP D . -14.73 13.00 3.88
PN NAP D . -13.65 12.39 2.78
O1N NAP D . -13.04 11.14 3.37
O2N NAP D . -12.55 13.42 2.54
O5D NAP D . -14.42 12.03 1.37
C5D NAP D . -13.79 12.31 0.15
C4D NAP D . -14.31 11.36 -0.97
O4D NAP D . -13.48 10.34 -1.09
C3D NAP D . -15.71 10.80 -0.62
O3D NAP D . -16.47 10.73 -1.75
C2D NAP D . -15.41 9.38 -0.12
O2D NAP D . -16.50 8.44 -0.51
C1D NAP D . -14.13 9.09 -0.90
N1N NAP D . -13.27 8.19 -0.18
C2N NAP D . -12.78 7.11 -0.82
C3N NAP D . -11.94 6.23 -0.17
C7N NAP D . -11.43 5.03 -0.97
O7N NAP D . -12.01 4.71 -1.96
N7N NAP D . -10.24 4.31 -0.56
C4N NAP D . -11.58 6.42 1.13
C5N NAP D . -12.08 7.52 1.78
C6N NAP D . -12.93 8.40 1.12
PA NAP E . -8.19 -22.51 3.67
PA NAP E . -8.22 -22.60 3.61
O1A NAP E . -7.39 -21.80 4.73
O1A NAP E . -7.40 -22.03 4.74
O2A NAP E . -8.38 -23.96 4.06
O2A NAP E . -8.46 -24.08 3.86
O5B NAP E . -9.67 -21.80 3.51
O5B NAP E . -9.68 -21.83 3.52
C5B NAP E . -10.79 -22.63 3.48
C5B NAP E . -10.83 -22.63 3.43
C4B NAP E . -12.08 -21.81 3.79
C4B NAP E . -12.08 -21.79 3.80
O4B NAP E . -12.59 -22.22 4.93
O4B NAP E . -12.56 -22.21 4.94
C3B NAP E . -11.74 -20.32 4.00
C3B NAP E . -11.72 -20.32 4.03
O3B NAP E . -12.04 -19.60 2.89
O3B NAP E . -11.99 -19.57 2.93
C2B NAP E . -12.71 -20.00 5.14
C2B NAP E . -12.70 -20.01 5.16
O2B NAP E . -14.05 -19.67 4.56
O2B NAP E . -14.04 -19.70 4.57
C1B NAP E . -12.77 -21.12 5.81
C1B NAP E . -12.75 -21.12 5.83
N9A NAP E . -11.75 -21.11 6.84
N9A NAP E . -11.73 -21.11 6.86
C8A NAP E . -10.67 -20.36 7.10
C8A NAP E . -10.65 -20.35 7.12
N7A NAP E . -10.10 -20.84 8.21
N7A NAP E . -10.07 -20.83 8.22
C5A NAP E . -10.82 -21.89 8.63
C5A NAP E . -10.78 -21.87 8.64
C6A NAP E . -10.67 -22.74 9.71
C6A NAP E . -10.63 -22.72 9.73
N6A NAP E . -9.63 -22.69 10.72
N6A NAP E . -9.58 -22.66 10.73
N1A NAP E . -11.54 -23.70 9.91
N1A NAP E . -11.49 -23.69 9.94
C2A NAP E . -12.58 -23.88 9.05
C2A NAP E . -12.53 -23.87 9.09
N3A NAP E . -12.73 -23.05 7.99
N3A NAP E . -12.69 -23.05 8.02
C4A NAP E . -11.84 -22.06 7.78
C4A NAP E . -11.81 -22.05 7.81
O3 NAP E . -7.38 -22.41 2.23
O3 NAP E . -7.40 -22.39 2.20
PN NAP E . -7.72 -23.44 1.00
PN NAP E . -7.79 -23.22 0.84
O1N NAP E . -8.95 -24.19 1.38
O1N NAP E . -9.08 -23.95 1.11
O2N NAP E . -6.57 -24.40 0.78
O2N NAP E . -6.71 -24.24 0.53
O5D NAP E . -8.03 -22.60 -0.40
O5D NAP E . -8.04 -22.20 -0.44
C5D NAP E . -9.33 -22.54 -0.89
C5D NAP E . -9.32 -22.19 -1.03
C4D NAP E . -9.42 -21.41 -1.96
C4D NAP E . -9.38 -21.21 -2.23
O4D NAP E . -8.55 -20.47 -1.65
O4D NAP E . -8.33 -20.42 -2.22
C3D NAP E . -9.10 -21.98 -3.36
C3D NAP E . -9.42 -21.99 -3.56
O3D NAP E . -10.17 -21.84 -4.19
O3D NAP E . -10.66 -21.96 -4.11
C2D NAP E . -7.92 -21.15 -3.86
C2D NAP E . -8.43 -21.26 -4.47
O2D NAP E . -8.30 -20.39 -5.10
O2D NAP E . -9.14 -20.53 -5.55
C1D NAP E . -7.66 -20.19 -2.71
C1D NAP E . -7.75 -20.28 -3.51
N1N NAP E . -6.29 -20.33 -2.25
N1N NAP E . -6.34 -20.54 -3.40
C2N NAP E . -5.28 -20.34 -3.16
C2N NAP E . -5.73 -20.40 -2.21
C3N NAP E . -3.97 -20.47 -2.75
C3N NAP E . -4.37 -20.64 -2.09
C7N NAP E . -2.85 -20.47 -3.80
C7N NAP E . -3.71 -20.47 -0.72
O7N NAP E . -2.94 -21.14 -4.77
O7N NAP E . -4.26 -20.83 0.26
N7N NAP E . -1.68 -19.65 -3.59
N7N NAP E . -2.41 -19.83 -0.63
C4N NAP E . -3.68 -20.61 -1.44
C4N NAP E . -3.65 -21.03 -3.17
C5N NAP E . -4.68 -20.62 -0.52
C5N NAP E . -4.27 -21.17 -4.37
C6N NAP E . -6.00 -20.47 -0.93
C6N NAP E . -5.63 -20.93 -4.49
P2B NAP E . -15.23 -19.09 5.57
P2B NAP E . -15.23 -19.08 5.54
O1X NAP E . -15.73 -20.21 6.45
O1X NAP E . -15.76 -20.17 6.44
O2X NAP E . -14.66 -18.00 6.43
O2X NAP E . -14.65 -17.98 6.38
O3X NAP E . -16.37 -18.53 4.74
O3X NAP E . -16.34 -18.53 4.68
PA NAD F . 15.61 15.25 -5.08
O1A NAD F . 16.21 16.57 -5.52
O2A NAD F . 15.77 15.08 -3.58
O5B NAD F . 16.31 13.99 -5.87
C5B NAD F . 16.22 13.94 -7.24
C4B NAD F . 17.30 12.99 -7.75
O4B NAD F . 17.31 12.93 -9.07
C3B NAD F . 18.70 13.52 -7.31
O3B NAD F . 19.23 12.68 -6.41
C2B NAD F . 19.49 13.49 -8.64
O2B NAD F . 20.87 12.97 -8.48
C1B NAD F . 18.61 12.51 -9.38
N9A NAD F . 18.94 12.49 -10.77
C8A NAD F . 19.40 13.56 -11.41
N7A NAD F . 19.64 13.20 -12.68
C5A NAD F . 19.34 11.91 -12.79
C6A NAD F . 19.40 11.04 -13.85
N6A NAD F . 19.83 11.32 -15.21
N1A NAD F . 19.02 9.78 -13.69
C2A NAD F . 18.60 9.34 -12.49
N3A NAD F . 18.54 10.19 -11.44
C4A NAD F . 18.91 11.47 -11.61
O3 NAD F . 14.02 15.30 -5.50
PN NAD F . 12.78 14.60 -4.61
O1N NAD F . 12.42 15.52 -3.48
O2N NAD F . 13.17 13.22 -4.11
O5D NAD F . 11.52 14.42 -5.67
C5D NAD F . 11.65 13.49 -6.70
C4D NAD F . 10.68 13.80 -7.79
O4D NAD F . 9.43 13.76 -7.35
C3D NAD F . 10.99 15.31 -8.37
O3D NAD F . 10.91 15.27 -9.87
C2D NAD F . 9.86 16.14 -7.76
O2D NAD F . 9.49 17.30 -8.63
C1D NAD F . 8.71 15.02 -7.73
N1N NAD F . 7.74 15.30 -6.83
C2N NAD F . 6.45 14.95 -7.12
C3N NAD F . 5.44 15.22 -6.21
C7N NAD F . 3.99 14.81 -6.56
O7N NAD F . 3.82 13.89 -7.35
N7N NAD F . 2.87 15.50 -5.95
C4N NAD F . 5.73 15.83 -5.02
C5N NAD F . 7.02 16.17 -4.72
C6N NAD F . 8.03 15.90 -5.64
PA NAP G . -3.92 -12.33 -17.84
O1A NAP G . -4.37 -13.46 -16.95
O2A NAP G . -3.36 -12.88 -19.12
O5B NAP G . -5.22 -11.37 -18.18
O3 NAP G . -2.74 -11.46 -17.08
PN NAP G . -2.92 -10.72 -15.61
O1N NAP G . -1.64 -10.04 -15.24
O2N NAP G . -3.27 -11.75 -14.55
O5D NAP G . -4.13 -9.62 -15.73
C5D NAP G . -5.41 -9.96 -15.26
C4D NAP G . -6.28 -8.68 -15.24
O4D NAP G . -5.83 -7.89 -14.28
C3D NAP G . -6.14 -7.93 -16.58
O3D NAP G . -7.35 -7.48 -17.00
C2D NAP G . -5.24 -6.74 -16.23
O2D NAP G . -5.61 -5.53 -17.03
C1D NAP G . -5.63 -6.58 -14.77
N1N NAP G . -4.60 -5.96 -14.00
C2N NAP G . -4.92 -4.93 -13.19
C3N NAP G . -3.95 -4.31 -12.42
C7N NAP G . -4.37 -3.15 -11.52
O7N NAP G . -3.71 -2.85 -10.58
N7N NAP G . -5.58 -2.41 -11.82
C4N NAP G . -2.67 -4.76 -12.47
C5N NAP G . -2.34 -5.81 -13.28
C6N NAP G . -3.32 -6.41 -14.06
#